data_2EER
#
_entry.id   2EER
#
_cell.length_a   86.171
_cell.length_b   86.171
_cell.length_c   165.870
_cell.angle_alpha   90.00
_cell.angle_beta   90.00
_cell.angle_gamma   90.00
#
_symmetry.space_group_name_H-M   'P 43 21 2'
#
loop_
_entity.id
_entity.type
_entity.pdbx_description
1 polymer 'NAD-dependent alcohol dehydrogenase'
2 non-polymer 'ZINC ION'
3 non-polymer NICOTINAMIDE-ADENINE-DINUCLEOTIDE
4 water water
#
_entity_poly.entity_id   1
_entity_poly.type   'polypeptide(L)'
_entity_poly.pdbx_seq_one_letter_code
;MRAMRLVEIGKPLKLEDIPIPKPKGSQVLIKIEAAGVCHSDVHMRQGRFGNLRIVEDLGVKLPVTLGHEIAGRIEEVGDE
VVGYSKGDLVAVNPWEGEGNCYYCRIGEEHLCDSPRWLGINYDGAYAEYVLVPHYKYLYKLRRLSAVEAAPLTCSGVTTY
RAVRKASLDPSKTLVVIGAGGGLGTMAIQIAKAVSGATIIGVDVREEALEAAKRAGADYVINASSQDPVSEIRRITQGKG
ADAVIDLNNSEKTLSIYPYVLAKQGKYVMVGLFGADLKYHAPLITLNEVQFIGSLVGNQSDFLGIMSLAEAGKVKPMVTK
TMKLEEANEAIDNLENFKAVGRQVLVP
;
_entity_poly.pdbx_strand_id   A,B
#
# COMPACT_ATOMS: atom_id res chain seq x y z
N MET A 1 32.15 31.56 5.40
CA MET A 1 31.47 31.36 4.08
C MET A 1 30.02 31.81 4.12
N ARG A 2 29.49 32.16 2.96
CA ARG A 2 28.09 32.59 2.85
C ARG A 2 27.18 31.37 3.02
N ALA A 3 26.01 31.60 3.62
CA ALA A 3 25.05 30.52 3.83
C ALA A 3 23.68 31.05 4.18
N MET A 4 22.66 30.56 3.49
CA MET A 4 21.29 30.96 3.75
C MET A 4 20.73 29.93 4.72
N ARG A 5 20.42 30.37 5.93
CA ARG A 5 19.95 29.44 6.94
C ARG A 5 18.57 29.73 7.52
N LEU A 6 17.92 28.65 7.97
CA LEU A 6 16.61 28.76 8.59
C LEU A 6 16.93 29.05 10.05
N VAL A 7 16.86 30.33 10.42
CA VAL A 7 17.17 30.75 11.77
C VAL A 7 15.93 30.89 12.64
N GLU A 8 14.83 31.33 12.04
CA GLU A 8 13.57 31.53 12.73
C GLU A 8 12.39 31.06 11.92
N ILE A 9 11.60 30.15 12.50
CA ILE A 9 10.41 29.63 11.86
C ILE A 9 9.47 30.76 11.47
N GLY A 10 8.92 30.70 10.26
CA GLY A 10 8.00 31.72 9.81
C GLY A 10 8.65 32.94 9.20
N LYS A 11 9.97 33.06 9.35
CA LYS A 11 10.71 34.20 8.82
C LYS A 11 11.66 33.77 7.70
N PRO A 12 11.94 34.68 6.75
CA PRO A 12 12.82 34.39 5.62
C PRO A 12 14.16 33.77 6.03
N LEU A 13 14.81 33.09 5.09
CA LEU A 13 16.11 32.49 5.36
C LEU A 13 17.07 33.66 5.53
N LYS A 14 17.99 33.55 6.48
CA LYS A 14 18.93 34.62 6.76
C LYS A 14 20.34 34.38 6.24
N LEU A 15 20.88 35.37 5.53
CA LEU A 15 22.23 35.28 5.01
C LEU A 15 23.14 35.32 6.23
N GLU A 16 23.96 34.28 6.38
CA GLU A 16 24.84 34.20 7.53
C GLU A 16 26.25 33.80 7.09
N ASP A 17 27.23 34.09 7.95
CA ASP A 17 28.62 33.77 7.66
C ASP A 17 29.13 32.80 8.71
N ILE A 18 29.32 31.55 8.32
CA ILE A 18 29.78 30.53 9.25
C ILE A 18 31.07 29.86 8.79
N PRO A 19 31.76 29.16 9.71
CA PRO A 19 33.03 28.47 9.43
C PRO A 19 32.92 27.46 8.30
N ILE A 20 33.99 27.28 7.55
CA ILE A 20 34.00 26.30 6.47
C ILE A 20 34.38 24.98 7.12
N PRO A 21 33.51 23.97 6.96
CA PRO A 21 33.77 22.65 7.55
C PRO A 21 35.13 22.06 7.15
N LYS A 22 35.70 21.29 8.06
CA LYS A 22 36.98 20.64 7.84
C LYS A 22 36.74 19.12 7.82
N PRO A 23 36.89 18.49 6.64
CA PRO A 23 36.67 17.04 6.52
C PRO A 23 37.74 16.16 7.15
N LYS A 24 37.31 15.06 7.76
CA LYS A 24 38.21 14.09 8.37
C LYS A 24 37.73 12.69 8.07
N GLY A 25 38.61 11.70 8.22
CA GLY A 25 38.23 10.32 7.95
C GLY A 25 37.75 10.10 6.53
N SER A 26 36.50 9.67 6.40
CA SER A 26 35.93 9.41 5.08
C SER A 26 35.03 10.55 4.60
N GLN A 27 35.04 11.65 5.33
CA GLN A 27 34.22 12.82 4.97
C GLN A 27 34.82 13.56 3.77
N VAL A 28 33.97 14.30 3.08
CA VAL A 28 34.40 15.07 1.91
C VAL A 28 33.76 16.46 1.94
N LEU A 29 34.56 17.47 1.61
CA LEU A 29 34.07 18.84 1.56
C LEU A 29 33.81 19.19 0.10
N ILE A 30 32.58 19.56 -0.21
CA ILE A 30 32.20 19.91 -1.57
C ILE A 30 32.02 21.42 -1.74
N LYS A 31 32.58 21.96 -2.81
CA LYS A 31 32.41 23.38 -3.12
C LYS A 31 31.17 23.44 -4.00
N ILE A 32 30.10 24.02 -3.46
CA ILE A 32 28.80 24.06 -4.14
C ILE A 32 28.84 24.85 -5.46
N GLU A 33 28.37 24.20 -6.53
CA GLU A 33 28.23 24.88 -7.82
C GLU A 33 26.75 25.00 -8.24
N ALA A 34 25.91 24.19 -7.57
CA ALA A 34 24.47 24.22 -7.88
C ALA A 34 23.63 23.67 -6.72
N ALA A 35 22.57 24.38 -6.40
CA ALA A 35 21.67 23.98 -5.33
C ALA A 35 20.24 24.17 -5.81
N GLY A 36 19.55 23.05 -6.02
CA GLY A 36 18.18 23.11 -6.48
C GLY A 36 17.25 23.63 -5.40
N VAL A 37 16.14 24.23 -5.81
CA VAL A 37 15.17 24.76 -4.87
C VAL A 37 13.92 23.89 -4.90
N CYS A 38 13.68 23.20 -3.80
CA CYS A 38 12.55 22.28 -3.71
C CYS A 38 11.38 22.92 -2.92
N HIS A 39 10.15 22.53 -3.32
CA HIS A 39 8.98 23.05 -2.63
C HIS A 39 9.04 22.70 -1.14
N SER A 40 9.80 21.64 -0.83
CA SER A 40 9.94 21.23 0.57
C SER A 40 10.46 22.38 1.44
N ASP A 41 11.23 23.28 0.85
CA ASP A 41 11.76 24.39 1.59
C ASP A 41 10.69 25.43 1.89
N VAL A 42 9.55 25.33 1.19
CA VAL A 42 8.45 26.22 1.55
C VAL A 42 7.86 25.80 2.88
N HIS A 43 7.65 24.46 2.99
CA HIS A 43 7.19 23.87 4.24
C HIS A 43 8.17 24.14 5.39
N MET A 44 9.46 23.93 5.07
CA MET A 44 10.50 24.11 6.08
C MET A 44 10.47 25.52 6.66
N ARG A 45 10.41 26.51 5.78
CA ARG A 45 10.38 27.89 6.20
C ARG A 45 9.13 28.16 7.05
N GLN A 46 7.99 27.59 6.59
CA GLN A 46 6.75 27.74 7.35
C GLN A 46 6.82 26.98 8.69
N GLY A 47 7.79 26.04 8.77
CA GLY A 47 8.03 25.35 10.03
C GLY A 47 7.19 24.04 10.18
N ARG A 48 6.57 23.55 9.11
CA ARG A 48 5.77 22.35 9.26
C ARG A 48 5.36 21.68 7.96
N PHE A 49 5.04 20.39 8.08
CA PHE A 49 4.56 19.57 6.97
C PHE A 49 3.19 19.12 7.50
N GLY A 50 2.13 19.74 7.01
CA GLY A 50 0.82 19.39 7.53
C GLY A 50 0.78 19.85 8.97
N ASN A 51 0.40 18.96 9.88
CA ASN A 51 0.32 19.30 11.31
C ASN A 51 1.66 19.07 12.01
N LEU A 52 2.58 18.41 11.32
CA LEU A 52 3.88 18.08 11.89
C LEU A 52 4.85 19.27 11.94
N ARG A 53 5.18 19.70 13.16
CA ARG A 53 6.11 20.80 13.38
C ARG A 53 7.53 20.28 13.18
N ILE A 54 8.32 20.94 12.33
CA ILE A 54 9.67 20.46 12.09
C ILE A 54 10.55 20.39 13.33
N VAL A 55 10.37 21.32 14.27
CA VAL A 55 11.16 21.33 15.49
C VAL A 55 10.61 20.36 16.54
N GLU A 56 9.48 20.72 17.15
CA GLU A 56 8.87 19.89 18.19
C GLU A 56 8.58 18.45 17.77
N ASP A 57 7.98 18.27 16.60
CA ASP A 57 7.62 16.94 16.13
C ASP A 57 8.70 16.19 15.35
N LEU A 58 9.27 16.82 14.32
CA LEU A 58 10.30 16.15 13.51
C LEU A 58 11.71 16.24 14.07
N GLY A 59 11.89 17.02 15.13
CA GLY A 59 13.20 17.14 15.75
C GLY A 59 14.28 17.96 15.05
N VAL A 60 13.88 18.94 14.25
CA VAL A 60 14.87 19.77 13.57
C VAL A 60 15.43 20.81 14.55
N LYS A 61 16.75 20.93 14.58
CA LYS A 61 17.40 21.90 15.46
C LYS A 61 17.90 23.10 14.68
N LEU A 62 17.37 24.27 15.00
CA LEU A 62 17.79 25.49 14.32
C LEU A 62 19.00 26.05 15.06
N PRO A 63 19.86 26.80 14.36
CA PRO A 63 19.72 27.13 12.93
C PRO A 63 20.30 26.04 12.04
N VAL A 64 19.84 25.98 10.80
CA VAL A 64 20.33 25.00 9.85
C VAL A 64 20.26 25.55 8.43
N THR A 65 21.31 25.29 7.65
CA THR A 65 21.39 25.72 6.26
C THR A 65 20.54 24.77 5.44
N LEU A 66 19.62 25.31 4.64
CA LEU A 66 18.76 24.45 3.82
C LEU A 66 19.44 24.09 2.49
N GLY A 67 18.72 23.38 1.62
CA GLY A 67 19.26 22.99 0.33
C GLY A 67 19.59 21.52 0.24
N HIS A 68 18.68 20.73 -0.34
CA HIS A 68 18.92 19.29 -0.44
C HIS A 68 19.08 18.73 -1.85
N GLU A 69 19.33 19.60 -2.82
CA GLU A 69 19.61 19.18 -4.18
C GLU A 69 21.03 19.73 -4.35
N ILE A 70 22.00 18.83 -4.27
CA ILE A 70 23.41 19.20 -4.28
C ILE A 70 24.31 18.70 -5.43
N ALA A 71 25.15 19.62 -5.92
CA ALA A 71 26.10 19.31 -6.99
C ALA A 71 27.25 20.31 -6.92
N GLY A 72 28.48 19.84 -7.10
CA GLY A 72 29.62 20.72 -7.03
C GLY A 72 30.93 19.98 -7.23
N ARG A 73 32.03 20.60 -6.80
CA ARG A 73 33.34 19.98 -6.94
C ARG A 73 34.02 19.72 -5.60
N ILE A 74 34.72 18.60 -5.51
CA ILE A 74 35.41 18.25 -4.28
C ILE A 74 36.44 19.34 -4.02
N GLU A 75 36.46 19.82 -2.79
CA GLU A 75 37.38 20.87 -2.35
C GLU A 75 38.47 20.26 -1.48
N GLU A 76 38.08 19.31 -0.63
CA GLU A 76 39.01 18.66 0.28
C GLU A 76 38.43 17.30 0.69
N VAL A 77 39.30 16.34 0.93
CA VAL A 77 38.87 15.00 1.33
C VAL A 77 39.54 14.53 2.61
N GLY A 78 38.86 13.66 3.36
CA GLY A 78 39.42 13.13 4.58
C GLY A 78 40.52 12.16 4.23
N ASP A 79 41.34 11.80 5.22
CA ASP A 79 42.45 10.88 5.00
C ASP A 79 42.06 9.46 4.60
N GLU A 80 40.80 9.09 4.82
CA GLU A 80 40.35 7.74 4.47
C GLU A 80 39.56 7.67 3.16
N VAL A 81 39.30 8.82 2.54
CA VAL A 81 38.56 8.84 1.29
C VAL A 81 39.30 8.10 0.18
N VAL A 82 38.57 7.29 -0.57
CA VAL A 82 39.17 6.52 -1.67
C VAL A 82 38.38 6.71 -2.96
N GLY A 83 39.10 6.80 -4.09
CA GLY A 83 38.47 6.93 -5.38
C GLY A 83 37.94 8.29 -5.80
N TYR A 84 38.35 9.33 -5.08
CA TYR A 84 37.91 10.69 -5.39
C TYR A 84 39.07 11.66 -5.19
N SER A 85 39.11 12.71 -6.00
CA SER A 85 40.17 13.70 -5.91
C SER A 85 39.64 15.12 -5.96
N LYS A 86 40.43 16.06 -5.45
CA LYS A 86 40.06 17.47 -5.45
C LYS A 86 39.78 17.89 -6.89
N GLY A 87 38.71 18.65 -7.09
CA GLY A 87 38.36 19.10 -8.42
C GLY A 87 37.28 18.26 -9.09
N ASP A 88 37.08 17.03 -8.60
CA ASP A 88 36.06 16.14 -9.17
C ASP A 88 34.64 16.69 -9.08
N LEU A 89 33.95 16.71 -10.21
CA LEU A 89 32.57 17.19 -10.26
C LEU A 89 31.66 16.06 -9.80
N VAL A 90 30.83 16.32 -8.80
CA VAL A 90 29.95 15.28 -8.29
C VAL A 90 28.59 15.78 -7.85
N ALA A 91 27.65 14.84 -7.74
CA ALA A 91 26.31 15.10 -7.25
C ALA A 91 26.35 14.46 -5.86
N VAL A 92 25.55 14.96 -4.92
CA VAL A 92 25.57 14.40 -3.57
C VAL A 92 24.22 13.85 -3.10
N ASN A 93 24.24 12.64 -2.58
CA ASN A 93 23.03 12.03 -2.05
C ASN A 93 22.93 12.56 -0.62
N PRO A 94 21.95 13.42 -0.34
CA PRO A 94 21.78 13.99 1.00
C PRO A 94 21.04 13.12 2.04
N TRP A 95 20.35 12.09 1.59
CA TRP A 95 19.57 11.22 2.48
C TRP A 95 20.47 10.14 3.06
N GLU A 96 21.23 10.53 4.06
CA GLU A 96 22.22 9.64 4.67
C GLU A 96 21.88 9.03 6.03
N GLY A 97 22.31 7.78 6.22
CA GLY A 97 22.07 7.06 7.47
C GLY A 97 23.37 6.67 8.17
N GLU A 98 23.26 6.18 9.40
CA GLU A 98 24.44 5.80 10.18
C GLU A 98 24.92 4.35 10.01
N GLY A 99 24.07 3.49 9.43
CA GLY A 99 24.47 2.11 9.18
C GLY A 99 24.14 0.99 10.15
N ASN A 100 23.92 1.31 11.42
CA ASN A 100 23.63 0.29 12.43
C ASN A 100 22.17 -0.06 12.69
N CYS A 101 21.25 0.88 12.46
CA CYS A 101 19.84 0.62 12.72
C CYS A 101 19.19 -0.32 11.71
N TYR A 102 18.03 -0.84 12.08
CA TYR A 102 17.26 -1.77 11.25
C TYR A 102 17.15 -1.32 9.79
N TYR A 103 16.76 -0.06 9.60
CA TYR A 103 16.58 0.48 8.26
C TYR A 103 17.85 0.57 7.41
N CYS A 104 18.97 0.93 8.03
CA CYS A 104 20.22 1.00 7.28
C CYS A 104 20.62 -0.43 6.88
N ARG A 105 20.42 -1.38 7.80
CA ARG A 105 20.77 -2.77 7.52
C ARG A 105 20.01 -3.39 6.34
N ILE A 106 18.75 -2.99 6.15
CA ILE A 106 17.98 -3.55 5.05
C ILE A 106 18.08 -2.74 3.75
N GLY A 107 18.97 -1.75 3.75
CA GLY A 107 19.16 -0.94 2.55
C GLY A 107 18.15 0.18 2.34
N GLU A 108 17.58 0.68 3.42
CA GLU A 108 16.63 1.78 3.36
C GLU A 108 17.19 2.90 4.25
N GLU A 109 18.41 3.32 3.92
CA GLU A 109 19.14 4.35 4.66
C GLU A 109 18.41 5.66 4.92
N HIS A 110 17.58 6.08 3.96
CA HIS A 110 16.86 7.33 4.12
C HIS A 110 15.88 7.27 5.29
N LEU A 111 15.53 6.07 5.73
CA LEU A 111 14.60 5.89 6.85
C LEU A 111 15.35 5.59 8.15
N CYS A 112 16.63 5.90 8.16
CA CYS A 112 17.48 5.69 9.33
C CYS A 112 16.84 6.28 10.58
N ASP A 113 17.04 5.63 11.73
CA ASP A 113 16.49 6.11 12.98
C ASP A 113 17.23 7.36 13.46
N SER A 114 18.48 7.50 13.03
CA SER A 114 19.28 8.65 13.38
C SER A 114 19.75 9.29 12.08
N PRO A 115 18.79 9.79 11.28
CA PRO A 115 19.04 10.42 9.97
C PRO A 115 19.98 11.60 9.93
N ARG A 116 20.73 11.66 8.83
CA ARG A 116 21.68 12.73 8.57
C ARG A 116 21.27 13.27 7.21
N TRP A 117 20.23 14.11 7.21
CA TRP A 117 19.71 14.69 6.00
C TRP A 117 20.26 16.09 5.73
N LEU A 118 21.18 16.17 4.77
CA LEU A 118 21.79 17.45 4.43
C LEU A 118 20.71 18.38 3.87
N GLY A 119 20.57 19.54 4.49
CA GLY A 119 19.57 20.51 4.04
C GLY A 119 18.28 20.45 4.88
N ILE A 120 18.24 19.47 5.82
CA ILE A 120 17.04 19.31 6.66
C ILE A 120 17.37 19.37 8.16
N ASN A 121 18.08 18.33 8.67
CA ASN A 121 18.54 18.39 10.07
C ASN A 121 20.07 18.58 10.15
N TYR A 122 20.71 18.55 8.98
CA TYR A 122 22.13 18.90 8.85
C TYR A 122 22.30 19.97 7.77
N ASP A 123 23.37 20.79 7.88
CA ASP A 123 23.54 21.87 6.91
C ASP A 123 23.54 21.36 5.45
N GLY A 124 22.83 22.11 4.61
CA GLY A 124 22.70 21.75 3.21
C GLY A 124 23.49 22.53 2.18
N ALA A 125 22.96 22.54 0.96
CA ALA A 125 23.61 23.18 -0.18
C ALA A 125 23.46 24.70 -0.37
N TYR A 126 22.64 25.36 0.45
CA TYR A 126 22.51 26.81 0.30
C TYR A 126 23.69 27.49 0.97
N ALA A 127 24.89 27.22 0.46
CA ALA A 127 26.12 27.78 1.00
C ALA A 127 27.25 27.55 0.02
N GLU A 128 28.41 28.14 0.31
CA GLU A 128 29.58 28.01 -0.57
C GLU A 128 30.17 26.59 -0.52
N TYR A 129 30.07 25.97 0.63
CA TYR A 129 30.60 24.61 0.83
C TYR A 129 29.61 23.78 1.63
N VAL A 130 29.73 22.45 1.51
CA VAL A 130 28.88 21.55 2.24
C VAL A 130 29.73 20.34 2.62
N LEU A 131 29.62 19.90 3.87
CA LEU A 131 30.39 18.76 4.34
C LEU A 131 29.56 17.48 4.14
N VAL A 132 30.17 16.49 3.49
CA VAL A 132 29.51 15.21 3.22
C VAL A 132 30.11 14.12 4.11
N PRO A 133 29.29 13.53 5.00
CA PRO A 133 29.70 12.48 5.93
C PRO A 133 30.53 11.32 5.37
N HIS A 134 30.20 10.84 4.18
CA HIS A 134 30.93 9.73 3.60
C HIS A 134 30.98 9.86 2.08
N TYR A 135 32.12 9.52 1.49
CA TYR A 135 32.29 9.62 0.05
C TYR A 135 31.41 8.65 -0.73
N LYS A 136 30.81 7.68 -0.02
CA LYS A 136 29.94 6.70 -0.66
C LYS A 136 28.68 7.38 -1.21
N TYR A 137 28.35 8.54 -0.67
CA TYR A 137 27.15 9.26 -1.13
C TYR A 137 27.39 10.19 -2.32
N LEU A 138 28.57 10.11 -2.92
CA LEU A 138 28.89 10.95 -4.08
C LEU A 138 28.68 10.18 -5.37
N TYR A 139 28.53 10.91 -6.47
CA TYR A 139 28.37 10.31 -7.79
C TYR A 139 29.05 11.21 -8.80
N LYS A 140 30.15 10.75 -9.39
CA LYS A 140 30.90 11.54 -10.37
C LYS A 140 30.07 11.92 -11.58
N LEU A 141 30.08 13.21 -11.92
CA LEU A 141 29.34 13.71 -13.06
C LEU A 141 30.24 13.77 -14.30
N ARG A 142 29.70 13.34 -15.43
CA ARG A 142 30.45 13.33 -16.68
C ARG A 142 29.68 14.07 -17.76
N ARG A 143 28.49 13.57 -18.06
CA ARG A 143 27.63 14.17 -19.09
C ARG A 143 26.99 15.48 -18.64
N LEU A 144 26.43 15.47 -17.42
CA LEU A 144 25.74 16.65 -16.90
C LEU A 144 26.62 17.62 -16.12
N SER A 145 26.21 18.89 -16.15
CA SER A 145 26.91 19.94 -15.42
C SER A 145 26.31 19.99 -14.03
N ALA A 146 26.92 20.75 -13.13
CA ALA A 146 26.43 20.85 -11.76
C ALA A 146 24.98 21.33 -11.72
N VAL A 147 24.68 22.36 -12.49
CA VAL A 147 23.34 22.93 -12.53
C VAL A 147 22.26 21.94 -13.01
N GLU A 148 22.61 21.13 -14.00
CA GLU A 148 21.65 20.16 -14.53
C GLU A 148 21.47 18.95 -13.61
N ALA A 149 22.51 18.60 -12.87
CA ALA A 149 22.46 17.44 -11.99
C ALA A 149 21.90 17.68 -10.59
N ALA A 150 22.05 18.89 -10.07
CA ALA A 150 21.59 19.21 -8.74
C ALA A 150 20.20 18.68 -8.40
N PRO A 151 19.19 18.98 -9.24
CA PRO A 151 17.82 18.51 -8.98
C PRO A 151 17.64 17.00 -8.86
N LEU A 152 18.56 16.23 -9.43
CA LEU A 152 18.48 14.77 -9.38
C LEU A 152 18.59 14.22 -7.98
N THR A 153 19.27 14.93 -7.09
CA THR A 153 19.46 14.44 -5.73
C THR A 153 18.22 14.52 -4.84
N CYS A 154 17.13 15.08 -5.35
CA CYS A 154 15.88 15.11 -4.59
C CYS A 154 14.71 14.83 -5.53
N SER A 155 14.36 15.79 -6.38
CA SER A 155 13.26 15.59 -7.31
C SER A 155 13.47 14.31 -8.14
N GLY A 156 14.72 14.04 -8.50
CA GLY A 156 15.03 12.85 -9.27
C GLY A 156 14.92 11.56 -8.49
N VAL A 157 15.65 11.44 -7.40
CA VAL A 157 15.62 10.22 -6.62
C VAL A 157 14.25 9.96 -5.99
N THR A 158 13.55 11.01 -5.57
CA THR A 158 12.24 10.86 -4.95
C THR A 158 11.24 10.26 -5.94
N THR A 159 11.19 10.83 -7.14
CA THR A 159 10.24 10.35 -8.14
C THR A 159 10.67 9.02 -8.75
N TYR A 160 11.97 8.73 -8.73
CA TYR A 160 12.45 7.46 -9.28
C TYR A 160 11.88 6.33 -8.39
N ARG A 161 11.99 6.52 -7.08
CA ARG A 161 11.47 5.56 -6.10
C ARG A 161 9.95 5.45 -6.23
N ALA A 162 9.29 6.60 -6.40
CA ALA A 162 7.84 6.62 -6.53
C ALA A 162 7.39 5.90 -7.79
N VAL A 163 8.11 6.10 -8.88
CA VAL A 163 7.77 5.42 -10.13
C VAL A 163 7.89 3.92 -9.90
N ARG A 164 8.94 3.52 -9.19
CA ARG A 164 9.16 2.10 -8.88
C ARG A 164 7.99 1.52 -8.09
N LYS A 165 7.60 2.23 -7.03
CA LYS A 165 6.49 1.78 -6.18
C LYS A 165 5.17 1.69 -6.95
N ALA A 166 5.08 2.42 -8.05
CA ALA A 166 3.86 2.39 -8.86
C ALA A 166 3.64 1.07 -9.60
N SER A 167 4.66 0.21 -9.62
CA SER A 167 4.58 -1.09 -10.28
C SER A 167 3.96 -0.99 -11.66
N LEU A 168 4.61 -0.24 -12.55
CA LEU A 168 4.07 -0.05 -13.89
C LEU A 168 4.49 -1.12 -14.89
N ASP A 169 3.75 -1.17 -15.99
CA ASP A 169 4.00 -2.07 -17.11
C ASP A 169 3.21 -1.47 -18.26
N PRO A 170 3.47 -1.93 -19.50
CA PRO A 170 2.78 -1.41 -20.70
C PRO A 170 1.26 -1.35 -20.70
N SER A 171 0.60 -2.25 -19.98
CA SER A 171 -0.86 -2.25 -19.97
C SER A 171 -1.46 -1.31 -18.92
N LYS A 172 -0.60 -0.63 -18.17
CA LYS A 172 -1.09 0.26 -17.13
C LYS A 172 -1.05 1.73 -17.48
N THR A 173 -1.86 2.51 -16.76
CA THR A 173 -1.91 3.94 -16.95
C THR A 173 -1.51 4.62 -15.65
N LEU A 174 -0.58 5.56 -15.75
CA LEU A 174 -0.10 6.33 -14.61
C LEU A 174 -0.59 7.77 -14.72
N VAL A 175 -1.08 8.32 -13.61
CA VAL A 175 -1.53 9.70 -13.57
C VAL A 175 -0.61 10.44 -12.61
N VAL A 176 -0.04 11.55 -13.06
CA VAL A 176 0.85 12.33 -12.22
C VAL A 176 0.16 13.65 -11.87
N ILE A 177 -0.02 13.90 -10.57
CA ILE A 177 -0.67 15.13 -10.09
C ILE A 177 0.39 16.17 -9.72
N GLY A 178 0.29 17.34 -10.37
CA GLY A 178 1.32 18.34 -10.19
C GLY A 178 2.44 18.14 -11.21
N ALA A 179 2.00 17.65 -12.39
CA ALA A 179 2.91 17.20 -13.44
C ALA A 179 3.83 18.31 -14.01
N GLY A 180 3.51 19.58 -13.81
CA GLY A 180 4.35 20.63 -14.36
C GLY A 180 5.44 21.21 -13.46
N GLY A 181 5.51 20.75 -12.21
CA GLY A 181 6.50 21.26 -11.29
C GLY A 181 7.85 20.56 -11.34
N GLY A 182 8.64 20.75 -10.28
CA GLY A 182 9.95 20.14 -10.21
C GLY A 182 9.90 18.63 -10.20
N LEU A 183 9.14 18.05 -9.26
CA LEU A 183 9.05 16.60 -9.20
C LEU A 183 8.18 16.07 -10.33
N GLY A 184 7.17 16.84 -10.71
CA GLY A 184 6.29 16.42 -11.78
C GLY A 184 6.98 16.16 -13.10
N THR A 185 7.83 17.10 -13.51
CA THR A 185 8.54 16.98 -14.78
C THR A 185 9.50 15.80 -14.76
N MET A 186 10.07 15.53 -13.57
CA MET A 186 11.00 14.43 -13.41
C MET A 186 10.26 13.10 -13.40
N ALA A 187 9.16 13.04 -12.65
CA ALA A 187 8.37 11.83 -12.57
C ALA A 187 7.94 11.35 -13.94
N ILE A 188 7.51 12.28 -14.79
CA ILE A 188 7.07 11.94 -16.13
C ILE A 188 8.21 11.43 -17.00
N GLN A 189 9.34 12.13 -17.01
CA GLN A 189 10.50 11.70 -17.81
C GLN A 189 10.96 10.30 -17.40
N ILE A 190 10.98 10.06 -16.09
CA ILE A 190 11.41 8.77 -15.58
C ILE A 190 10.43 7.68 -15.96
N ALA A 191 9.13 7.94 -15.75
CA ALA A 191 8.11 6.96 -16.08
C ALA A 191 8.20 6.57 -17.55
N LYS A 192 8.49 7.53 -18.41
CA LYS A 192 8.60 7.28 -19.84
C LYS A 192 9.90 6.54 -20.20
N ALA A 193 10.96 6.80 -19.43
CA ALA A 193 12.25 6.19 -19.69
C ALA A 193 12.42 4.78 -19.10
N VAL A 194 11.70 4.47 -18.03
CA VAL A 194 11.82 3.15 -17.40
C VAL A 194 10.57 2.26 -17.47
N SER A 195 9.60 2.65 -18.28
CA SER A 195 8.40 1.85 -18.45
C SER A 195 7.71 2.20 -19.75
N GLY A 196 6.77 1.34 -20.15
CA GLY A 196 6.05 1.61 -21.38
C GLY A 196 4.59 1.96 -21.09
N ALA A 197 4.34 2.37 -19.83
CA ALA A 197 2.96 2.68 -19.44
C ALA A 197 2.49 4.01 -20.04
N THR A 198 1.16 4.16 -20.08
CA THR A 198 0.55 5.37 -20.58
C THR A 198 0.65 6.38 -19.45
N ILE A 199 1.07 7.60 -19.78
CA ILE A 199 1.26 8.64 -18.78
C ILE A 199 0.31 9.83 -18.97
N ILE A 200 -0.42 10.15 -17.91
CA ILE A 200 -1.36 11.27 -17.91
C ILE A 200 -0.86 12.31 -16.91
N GLY A 201 -0.61 13.51 -17.38
CA GLY A 201 -0.15 14.57 -16.50
C GLY A 201 -1.26 15.55 -16.16
N VAL A 202 -1.43 15.83 -14.87
CA VAL A 202 -2.45 16.75 -14.40
C VAL A 202 -1.84 17.92 -13.64
N ASP A 203 -2.28 19.12 -13.99
CA ASP A 203 -1.82 20.32 -13.32
C ASP A 203 -2.90 21.40 -13.48
N VAL A 204 -2.65 22.61 -12.97
CA VAL A 204 -3.64 23.67 -13.04
C VAL A 204 -3.19 24.96 -13.75
N ARG A 205 -2.20 24.85 -14.61
CA ARG A 205 -1.71 26.01 -15.35
C ARG A 205 -1.34 25.55 -16.76
N GLU A 206 -1.76 26.31 -17.75
CA GLU A 206 -1.50 25.95 -19.15
C GLU A 206 -0.02 25.69 -19.42
N GLU A 207 0.85 26.53 -18.87
CA GLU A 207 2.28 26.35 -19.09
C GLU A 207 2.82 25.13 -18.35
N ALA A 208 2.23 24.81 -17.21
CA ALA A 208 2.66 23.66 -16.43
C ALA A 208 2.37 22.41 -17.25
N LEU A 209 1.21 22.36 -17.89
CA LEU A 209 0.85 21.21 -18.71
C LEU A 209 1.74 21.10 -19.94
N GLU A 210 2.19 22.24 -20.44
CA GLU A 210 3.07 22.25 -21.60
C GLU A 210 4.43 21.70 -21.19
N ALA A 211 4.84 22.02 -19.97
CA ALA A 211 6.11 21.50 -19.46
C ALA A 211 5.95 20.00 -19.25
N ALA A 212 4.76 19.59 -18.82
CA ALA A 212 4.46 18.17 -18.60
C ALA A 212 4.46 17.41 -19.93
N LYS A 213 3.90 18.04 -20.96
CA LYS A 213 3.83 17.44 -22.28
C LYS A 213 5.26 17.25 -22.81
N ARG A 214 6.07 18.28 -22.64
CA ARG A 214 7.46 18.25 -23.08
C ARG A 214 8.24 17.16 -22.33
N ALA A 215 7.91 16.98 -21.04
CA ALA A 215 8.57 15.97 -20.22
C ALA A 215 8.27 14.59 -20.79
N GLY A 216 7.21 14.49 -21.57
CA GLY A 216 6.84 13.22 -22.20
C GLY A 216 5.48 12.62 -21.90
N ALA A 217 4.58 13.41 -21.31
CA ALA A 217 3.25 12.91 -20.99
C ALA A 217 2.45 12.59 -22.25
N ASP A 218 1.76 11.46 -22.25
CA ASP A 218 0.94 11.07 -23.40
C ASP A 218 -0.30 11.94 -23.47
N TYR A 219 -0.83 12.30 -22.31
CA TYR A 219 -2.01 13.15 -22.23
C TYR A 219 -1.81 14.14 -21.10
N VAL A 220 -2.41 15.32 -21.23
CA VAL A 220 -2.31 16.34 -20.20
C VAL A 220 -3.71 16.84 -19.90
N ILE A 221 -3.97 17.10 -18.63
CA ILE A 221 -5.27 17.56 -18.18
C ILE A 221 -5.14 18.75 -17.25
N ASN A 222 -5.88 19.82 -17.55
CA ASN A 222 -5.87 21.02 -16.72
C ASN A 222 -7.10 20.90 -15.82
N ALA A 223 -6.87 20.46 -14.59
CA ALA A 223 -7.95 20.26 -13.63
C ALA A 223 -8.77 21.51 -13.31
N SER A 224 -8.25 22.68 -13.68
CA SER A 224 -8.95 23.93 -13.36
C SER A 224 -9.89 24.41 -14.47
N SER A 225 -9.90 23.73 -15.61
CA SER A 225 -10.77 24.14 -16.72
C SER A 225 -11.49 22.95 -17.36
N GLN A 226 -11.29 21.76 -16.80
CA GLN A 226 -11.94 20.55 -17.30
C GLN A 226 -12.02 19.54 -16.18
N ASP A 227 -12.99 18.64 -16.26
CA ASP A 227 -13.14 17.61 -15.24
C ASP A 227 -12.14 16.48 -15.46
N PRO A 228 -11.15 16.37 -14.55
CA PRO A 228 -10.14 15.33 -14.65
C PRO A 228 -10.69 13.91 -14.60
N VAL A 229 -11.75 13.71 -13.81
CA VAL A 229 -12.38 12.40 -13.67
C VAL A 229 -12.90 11.88 -15.01
N SER A 230 -13.61 12.74 -15.73
CA SER A 230 -14.16 12.36 -17.02
C SER A 230 -13.05 11.98 -18.00
N GLU A 231 -12.05 12.84 -18.12
CA GLU A 231 -10.94 12.59 -19.02
C GLU A 231 -10.20 11.30 -18.69
N ILE A 232 -9.82 11.14 -17.43
CA ILE A 232 -9.09 9.95 -16.99
C ILE A 232 -9.93 8.69 -17.25
N ARG A 233 -11.22 8.75 -16.95
CA ARG A 233 -12.07 7.59 -17.19
C ARG A 233 -12.15 7.32 -18.68
N ARG A 234 -12.29 8.39 -19.48
CA ARG A 234 -12.35 8.25 -20.92
C ARG A 234 -11.06 7.63 -21.45
N ILE A 235 -9.93 8.25 -21.10
CA ILE A 235 -8.63 7.76 -21.54
C ILE A 235 -8.42 6.30 -21.18
N THR A 236 -8.79 5.91 -19.96
CA THR A 236 -8.63 4.52 -19.55
C THR A 236 -9.83 3.67 -19.91
N GLN A 237 -10.76 4.25 -20.67
CA GLN A 237 -11.95 3.52 -21.09
C GLN A 237 -12.74 2.98 -19.91
N GLY A 238 -12.93 3.82 -18.89
CA GLY A 238 -13.69 3.43 -17.71
C GLY A 238 -12.99 2.58 -16.66
N LYS A 239 -11.80 2.07 -16.98
CA LYS A 239 -11.07 1.23 -16.02
C LYS A 239 -10.53 2.00 -14.82
N GLY A 240 -10.07 3.22 -15.05
CA GLY A 240 -9.50 4.01 -13.97
C GLY A 240 -7.99 3.90 -14.07
N ALA A 241 -7.27 4.70 -13.30
CA ALA A 241 -5.80 4.68 -13.33
C ALA A 241 -5.21 3.56 -12.48
N ASP A 242 -4.22 2.85 -13.03
CA ASP A 242 -3.58 1.77 -12.32
C ASP A 242 -2.63 2.32 -11.26
N ALA A 243 -2.25 3.58 -11.42
CA ALA A 243 -1.36 4.22 -10.47
C ALA A 243 -1.47 5.74 -10.57
N VAL A 244 -1.36 6.40 -9.42
CA VAL A 244 -1.40 7.84 -9.36
C VAL A 244 -0.25 8.26 -8.45
N ILE A 245 0.58 9.17 -8.93
CA ILE A 245 1.66 9.71 -8.13
C ILE A 245 1.18 11.13 -7.83
N ASP A 246 0.72 11.34 -6.60
CA ASP A 246 0.20 12.64 -6.19
C ASP A 246 1.32 13.47 -5.58
N LEU A 247 1.76 14.49 -6.31
CA LEU A 247 2.84 15.35 -5.82
C LEU A 247 2.32 16.55 -5.02
N ASN A 248 1.03 16.46 -4.62
CA ASN A 248 0.43 17.51 -3.77
C ASN A 248 -0.06 16.93 -2.44
N ASN A 249 -1.01 15.96 -2.57
CA ASN A 249 -1.72 15.42 -1.41
C ASN A 249 -2.39 16.50 -0.58
N SER A 250 -3.12 17.36 -1.28
CA SER A 250 -3.82 18.48 -0.66
C SER A 250 -5.27 18.07 -0.51
N GLU A 251 -6.05 18.83 0.25
CA GLU A 251 -7.45 18.49 0.42
C GLU A 251 -8.10 18.41 -0.96
N LYS A 252 -7.64 19.27 -1.87
CA LYS A 252 -8.17 19.30 -3.22
C LYS A 252 -7.85 18.04 -4.00
N THR A 253 -6.58 17.64 -4.04
CA THR A 253 -6.23 16.45 -4.80
C THR A 253 -6.76 15.16 -4.19
N LEU A 254 -6.74 15.07 -2.86
CA LEU A 254 -7.19 13.85 -2.20
C LEU A 254 -8.72 13.65 -2.25
N SER A 255 -9.45 14.75 -2.61
CA SER A 255 -10.90 14.61 -2.72
C SER A 255 -11.35 14.16 -4.12
N ILE A 256 -10.35 14.06 -5.05
CA ILE A 256 -10.67 13.74 -6.44
C ILE A 256 -10.05 12.42 -6.93
N TYR A 257 -8.72 12.39 -7.02
CA TYR A 257 -8.01 11.24 -7.58
C TYR A 257 -8.10 9.87 -6.92
N PRO A 258 -8.19 9.81 -5.59
CA PRO A 258 -8.29 8.47 -4.97
C PRO A 258 -9.51 7.71 -5.52
N TYR A 259 -10.50 8.47 -6.02
CA TYR A 259 -11.72 7.89 -6.56
C TYR A 259 -11.64 7.48 -8.03
N VAL A 260 -10.50 7.73 -8.68
CA VAL A 260 -10.37 7.37 -10.08
C VAL A 260 -9.44 6.16 -10.27
N LEU A 261 -9.10 5.50 -9.17
CA LEU A 261 -8.22 4.34 -9.20
C LEU A 261 -8.90 3.09 -9.75
N ALA A 262 -8.15 2.32 -10.53
CA ALA A 262 -8.65 1.06 -11.07
C ALA A 262 -8.48 0.06 -9.94
N LYS A 263 -9.03 -1.14 -10.10
CA LYS A 263 -8.83 -2.15 -9.08
C LYS A 263 -7.35 -2.50 -8.99
N GLN A 264 -6.89 -2.73 -7.75
CA GLN A 264 -5.47 -2.94 -7.49
C GLN A 264 -4.63 -1.66 -7.72
N GLY A 265 -5.34 -0.55 -8.03
CA GLY A 265 -4.65 0.71 -8.26
C GLY A 265 -3.80 1.13 -7.07
N LYS A 266 -2.67 1.76 -7.36
CA LYS A 266 -1.74 2.23 -6.33
C LYS A 266 -1.68 3.76 -6.29
N TYR A 267 -1.99 4.35 -5.14
CA TYR A 267 -1.96 5.79 -4.97
C TYR A 267 -0.68 6.14 -4.22
N VAL A 268 0.34 6.58 -4.94
CA VAL A 268 1.62 6.91 -4.34
C VAL A 268 1.63 8.36 -3.87
N MET A 269 1.73 8.53 -2.56
CA MET A 269 1.69 9.84 -1.93
C MET A 269 3.05 10.45 -1.61
N VAL A 270 3.45 11.42 -2.43
CA VAL A 270 4.72 12.11 -2.31
C VAL A 270 4.60 13.55 -1.80
N GLY A 271 3.63 14.29 -2.36
CA GLY A 271 3.40 15.67 -1.97
C GLY A 271 3.16 15.85 -0.49
N LEU A 272 3.54 17.00 0.05
CA LEU A 272 3.38 17.28 1.47
C LEU A 272 2.61 18.56 1.76
N PHE A 273 1.62 18.86 0.92
CA PHE A 273 0.81 20.06 1.08
C PHE A 273 0.05 20.09 2.41
N GLY A 274 -0.23 18.92 2.97
CA GLY A 274 -0.93 18.86 4.24
C GLY A 274 -2.42 18.71 4.10
N ALA A 275 -2.91 17.52 4.44
CA ALA A 275 -4.33 17.22 4.37
C ALA A 275 -4.51 15.83 4.95
N ASP A 276 -5.75 15.44 5.17
CA ASP A 276 -6.00 14.11 5.71
C ASP A 276 -6.59 13.25 4.61
N LEU A 277 -6.09 12.04 4.49
CA LEU A 277 -6.64 11.11 3.50
C LEU A 277 -7.94 10.66 4.14
N LYS A 278 -9.03 10.68 3.37
CA LYS A 278 -10.33 10.25 3.86
C LYS A 278 -10.94 9.37 2.79
N TYR A 279 -11.08 8.09 3.09
CA TYR A 279 -11.58 7.12 2.11
C TYR A 279 -12.34 6.00 2.83
N HIS A 280 -13.49 5.62 2.28
CA HIS A 280 -14.32 4.55 2.86
C HIS A 280 -13.53 3.24 2.82
N ALA A 281 -13.26 2.67 3.99
CA ALA A 281 -12.50 1.43 4.07
C ALA A 281 -12.97 0.27 3.19
N PRO A 282 -14.28 0.00 3.16
CA PRO A 282 -14.77 -1.10 2.31
C PRO A 282 -14.31 -0.96 0.86
N LEU A 283 -14.14 0.28 0.41
CA LEU A 283 -13.70 0.53 -0.96
C LEU A 283 -12.24 0.10 -1.12
N ILE A 284 -11.42 0.29 -0.08
CA ILE A 284 -10.02 -0.10 -0.15
C ILE A 284 -9.91 -1.63 -0.23
N THR A 285 -10.71 -2.30 0.58
CA THR A 285 -10.73 -3.76 0.63
C THR A 285 -11.29 -4.40 -0.65
N LEU A 286 -12.50 -4.02 -1.02
CA LEU A 286 -13.17 -4.59 -2.18
C LEU A 286 -12.50 -4.33 -3.53
N ASN A 287 -11.72 -3.27 -3.62
CA ASN A 287 -11.04 -2.93 -4.87
C ASN A 287 -9.54 -3.19 -4.79
N GLU A 288 -9.09 -3.64 -3.62
CA GLU A 288 -7.68 -3.91 -3.36
C GLU A 288 -6.77 -2.75 -3.76
N VAL A 289 -7.22 -1.53 -3.49
CA VAL A 289 -6.37 -0.39 -3.83
C VAL A 289 -5.34 -0.18 -2.72
N GLN A 290 -4.30 0.60 -3.00
CA GLN A 290 -3.27 0.83 -2.01
C GLN A 290 -2.87 2.30 -1.93
N PHE A 291 -2.71 2.81 -0.71
CA PHE A 291 -2.27 4.17 -0.51
C PHE A 291 -0.85 3.96 0.03
N ILE A 292 0.13 4.37 -0.76
CA ILE A 292 1.54 4.16 -0.44
C ILE A 292 2.38 5.44 -0.26
N GLY A 293 3.02 5.55 0.89
CA GLY A 293 3.86 6.71 1.12
C GLY A 293 5.23 6.46 0.50
N SER A 294 5.84 7.48 -0.08
CA SER A 294 7.16 7.33 -0.69
C SER A 294 7.99 8.54 -0.27
N LEU A 295 9.18 8.29 0.26
CA LEU A 295 10.00 9.37 0.77
C LEU A 295 11.42 9.29 0.21
N VAL A 296 11.86 10.43 -0.40
CA VAL A 296 13.17 10.51 -1.06
C VAL A 296 13.61 9.18 -1.67
N GLY A 297 14.81 8.70 -1.27
CA GLY A 297 15.27 7.43 -1.84
C GLY A 297 16.53 6.90 -1.16
N ASN A 298 16.78 5.61 -1.34
CA ASN A 298 17.96 4.98 -0.77
C ASN A 298 19.10 5.02 -1.78
N GLN A 299 20.24 4.46 -1.40
CA GLN A 299 21.42 4.45 -2.28
C GLN A 299 21.18 3.75 -3.60
N SER A 300 20.28 2.76 -3.60
CA SER A 300 19.96 2.04 -4.81
C SER A 300 19.19 2.98 -5.73
N ASP A 301 18.24 3.72 -5.15
CA ASP A 301 17.46 4.67 -5.93
C ASP A 301 18.36 5.79 -6.47
N PHE A 302 19.28 6.26 -5.64
CA PHE A 302 20.17 7.32 -6.06
C PHE A 302 21.00 6.86 -7.26
N LEU A 303 21.53 5.65 -7.17
CA LEU A 303 22.32 5.08 -8.26
C LEU A 303 21.48 4.96 -9.52
N GLY A 304 20.25 4.51 -9.36
CA GLY A 304 19.36 4.35 -10.50
C GLY A 304 19.10 5.63 -11.28
N ILE A 305 18.74 6.71 -10.57
CA ILE A 305 18.45 7.96 -11.26
C ILE A 305 19.70 8.69 -11.76
N MET A 306 20.82 8.53 -11.08
CA MET A 306 22.04 9.19 -11.54
C MET A 306 22.54 8.49 -12.81
N SER A 307 22.45 7.17 -12.85
CA SER A 307 22.90 6.42 -14.01
C SER A 307 22.00 6.74 -15.20
N LEU A 308 20.69 6.76 -14.95
CA LEU A 308 19.72 7.05 -16.00
C LEU A 308 20.00 8.45 -16.57
N ALA A 309 20.33 9.39 -15.69
CA ALA A 309 20.62 10.77 -16.10
C ALA A 309 21.95 10.90 -16.85
N GLU A 310 23.00 10.29 -16.30
CA GLU A 310 24.31 10.39 -16.93
C GLU A 310 24.33 9.70 -18.30
N ALA A 311 23.43 8.72 -18.45
CA ALA A 311 23.29 8.08 -19.75
C ALA A 311 22.47 8.93 -20.73
N GLY A 312 21.96 10.08 -20.23
CA GLY A 312 21.25 11.00 -21.11
C GLY A 312 19.80 10.58 -21.38
N LYS A 313 19.26 9.68 -20.58
CA LYS A 313 17.89 9.22 -20.79
C LYS A 313 16.83 10.08 -20.12
N VAL A 314 17.26 10.95 -19.21
CA VAL A 314 16.37 11.88 -18.51
C VAL A 314 17.25 13.08 -18.16
N LYS A 315 16.62 14.23 -17.91
CA LYS A 315 17.36 15.43 -17.57
C LYS A 315 16.46 16.45 -16.87
N PRO A 316 16.89 16.93 -15.69
CA PRO A 316 16.07 17.91 -14.97
C PRO A 316 15.79 19.14 -15.83
N MET A 317 14.56 19.61 -15.79
CA MET A 317 14.17 20.80 -16.57
C MET A 317 14.39 22.07 -15.76
N VAL A 318 15.59 22.64 -15.85
CA VAL A 318 15.92 23.86 -15.12
C VAL A 318 15.47 25.07 -15.93
N THR A 319 14.40 25.72 -15.48
CA THR A 319 13.87 26.88 -16.19
C THR A 319 14.43 28.23 -15.75
N LYS A 320 15.25 28.23 -14.71
CA LYS A 320 15.84 29.47 -14.20
C LYS A 320 16.90 29.25 -13.14
N THR A 321 17.87 30.15 -13.11
CA THR A 321 18.97 30.09 -12.15
C THR A 321 19.14 31.46 -11.49
N MET A 322 19.63 31.47 -10.25
CA MET A 322 19.83 32.72 -9.53
C MET A 322 20.88 32.60 -8.44
N LYS A 323 21.13 33.70 -7.73
CA LYS A 323 22.14 33.72 -6.68
C LYS A 323 21.71 33.10 -5.35
N LEU A 324 22.69 32.66 -4.58
CA LEU A 324 22.45 32.07 -3.26
C LEU A 324 21.60 33.01 -2.41
N GLU A 325 21.96 34.29 -2.43
CA GLU A 325 21.25 35.32 -1.66
C GLU A 325 19.79 35.45 -2.04
N GLU A 326 19.44 34.99 -3.24
CA GLU A 326 18.07 35.07 -3.72
C GLU A 326 17.21 33.87 -3.29
N ALA A 327 17.76 33.04 -2.42
CA ALA A 327 17.06 31.84 -1.93
C ALA A 327 15.61 32.10 -1.52
N ASN A 328 15.38 33.17 -0.76
CA ASN A 328 14.04 33.49 -0.28
C ASN A 328 13.07 33.81 -1.42
N GLU A 329 13.57 34.37 -2.52
CA GLU A 329 12.73 34.70 -3.65
C GLU A 329 12.35 33.44 -4.43
N ALA A 330 13.31 32.52 -4.57
CA ALA A 330 13.06 31.28 -5.29
C ALA A 330 12.00 30.45 -4.57
N ILE A 331 12.06 30.44 -3.23
CA ILE A 331 11.10 29.71 -2.43
C ILE A 331 9.72 30.36 -2.55
N ASP A 332 9.69 31.69 -2.62
CA ASP A 332 8.42 32.42 -2.76
C ASP A 332 7.72 32.01 -4.05
N ASN A 333 8.49 31.87 -5.12
CA ASN A 333 7.94 31.49 -6.40
C ASN A 333 7.20 30.15 -6.31
N LEU A 334 7.79 29.20 -5.59
CA LEU A 334 7.15 27.89 -5.45
C LEU A 334 5.90 28.02 -4.57
N GLU A 335 6.02 28.78 -3.49
CA GLU A 335 4.90 28.99 -2.59
C GLU A 335 3.73 29.63 -3.34
N ASN A 336 4.04 30.60 -4.19
CA ASN A 336 3.01 31.27 -4.97
C ASN A 336 2.70 30.51 -6.25
N PHE A 337 3.25 29.30 -6.37
CA PHE A 337 3.03 28.47 -7.54
C PHE A 337 3.31 29.28 -8.81
N LYS A 338 4.46 29.95 -8.84
CA LYS A 338 4.83 30.78 -9.98
C LYS A 338 5.90 30.17 -10.87
N ALA A 339 6.38 28.98 -10.51
CA ALA A 339 7.43 28.35 -11.30
C ALA A 339 6.99 27.10 -12.05
N VAL A 340 7.82 26.73 -13.02
CA VAL A 340 7.60 25.55 -13.84
C VAL A 340 8.96 24.90 -13.91
N GLY A 341 9.02 23.57 -13.77
CA GLY A 341 10.30 22.90 -13.81
C GLY A 341 11.05 23.15 -12.50
N ARG A 342 12.37 23.27 -12.58
CA ARG A 342 13.17 23.48 -11.37
C ARG A 342 14.05 24.72 -11.39
N GLN A 343 14.17 25.36 -10.23
CA GLN A 343 15.00 26.55 -10.06
C GLN A 343 16.28 26.10 -9.38
N VAL A 344 17.40 26.71 -9.77
CA VAL A 344 18.68 26.36 -9.18
C VAL A 344 19.46 27.60 -8.75
N LEU A 345 20.11 27.51 -7.59
CA LEU A 345 20.90 28.62 -7.08
C LEU A 345 22.38 28.34 -7.32
N VAL A 346 23.18 29.39 -7.45
CA VAL A 346 24.62 29.24 -7.69
C VAL A 346 25.47 30.08 -6.75
N MET B 1 -34.25 -29.59 -3.30
CA MET B 1 -33.24 -29.67 -2.21
C MET B 1 -33.39 -28.50 -1.25
N ARG B 2 -32.89 -28.67 -0.03
CA ARG B 2 -32.95 -27.63 0.97
C ARG B 2 -31.88 -26.57 0.66
N ALA B 3 -32.18 -25.32 0.99
CA ALA B 3 -31.26 -24.22 0.77
C ALA B 3 -31.66 -23.05 1.66
N MET B 4 -30.67 -22.42 2.27
CA MET B 4 -30.91 -21.26 3.13
C MET B 4 -30.56 -20.05 2.28
N ARG B 5 -31.57 -19.35 1.81
CA ARG B 5 -31.34 -18.21 0.94
C ARG B 5 -31.64 -16.82 1.50
N LEU B 6 -30.97 -15.84 0.94
CA LEU B 6 -31.16 -14.45 1.30
C LEU B 6 -32.25 -13.98 0.35
N VAL B 7 -33.44 -13.70 0.89
CA VAL B 7 -34.56 -13.26 0.07
C VAL B 7 -34.88 -11.78 0.22
N GLU B 8 -34.59 -11.23 1.39
CA GLU B 8 -34.84 -9.82 1.66
C GLU B 8 -33.82 -9.34 2.68
N ILE B 9 -33.19 -8.19 2.44
CA ILE B 9 -32.19 -7.68 3.38
C ILE B 9 -32.84 -7.33 4.70
N GLY B 10 -32.05 -7.34 5.77
CA GLY B 10 -32.57 -7.00 7.08
C GLY B 10 -33.46 -8.09 7.65
N LYS B 11 -33.59 -9.20 6.92
CA LYS B 11 -34.43 -10.31 7.35
C LYS B 11 -33.65 -11.63 7.36
N PRO B 12 -34.03 -12.55 8.26
CA PRO B 12 -33.32 -13.83 8.33
C PRO B 12 -33.38 -14.62 7.03
N LEU B 13 -32.37 -15.46 6.81
CA LEU B 13 -32.32 -16.30 5.61
C LEU B 13 -33.51 -17.24 5.66
N LYS B 14 -34.08 -17.56 4.51
CA LYS B 14 -35.24 -18.44 4.45
C LYS B 14 -34.93 -19.82 3.87
N LEU B 15 -35.41 -20.85 4.54
CA LEU B 15 -35.20 -22.22 4.05
C LEU B 15 -36.15 -22.39 2.88
N GLU B 16 -35.62 -22.84 1.75
CA GLU B 16 -36.44 -23.01 0.56
C GLU B 16 -36.21 -24.37 -0.07
N ASP B 17 -37.06 -24.70 -1.04
CA ASP B 17 -36.95 -25.94 -1.77
C ASP B 17 -36.78 -25.59 -3.24
N ILE B 18 -35.55 -25.69 -3.71
CA ILE B 18 -35.24 -25.39 -5.10
C ILE B 18 -34.68 -26.62 -5.77
N PRO B 19 -34.76 -26.69 -7.10
CA PRO B 19 -34.26 -27.84 -7.85
C PRO B 19 -32.75 -28.04 -7.74
N ILE B 20 -32.33 -29.29 -7.87
CA ILE B 20 -30.92 -29.66 -7.83
C ILE B 20 -30.34 -29.32 -9.19
N PRO B 21 -29.24 -28.54 -9.23
CA PRO B 21 -28.62 -28.18 -10.50
C PRO B 21 -28.19 -29.39 -11.32
N LYS B 22 -28.22 -29.23 -12.64
CA LYS B 22 -27.81 -30.29 -13.56
C LYS B 22 -26.54 -29.80 -14.28
N PRO B 23 -25.39 -30.39 -13.96
CA PRO B 23 -24.13 -29.98 -14.57
C PRO B 23 -23.99 -30.32 -16.05
N LYS B 24 -23.39 -29.40 -16.80
CA LYS B 24 -23.15 -29.57 -18.23
C LYS B 24 -21.75 -29.06 -18.51
N GLY B 25 -21.15 -29.51 -19.61
CA GLY B 25 -19.83 -29.07 -19.98
C GLY B 25 -18.74 -29.32 -18.94
N SER B 26 -18.12 -28.24 -18.48
CA SER B 26 -17.05 -28.33 -17.49
C SER B 26 -17.51 -28.15 -16.04
N GLN B 27 -18.81 -27.99 -15.86
CA GLN B 27 -19.39 -27.81 -14.54
C GLN B 27 -19.31 -29.09 -13.72
N VAL B 28 -19.46 -28.94 -12.41
CA VAL B 28 -19.42 -30.08 -11.51
C VAL B 28 -20.46 -29.88 -10.41
N LEU B 29 -21.25 -30.91 -10.15
CA LEU B 29 -22.25 -30.83 -9.11
C LEU B 29 -21.65 -31.47 -7.86
N ILE B 30 -21.62 -30.70 -6.78
CA ILE B 30 -21.06 -31.17 -5.53
C ILE B 30 -22.13 -31.36 -4.45
N LYS B 31 -22.09 -32.49 -3.76
CA LYS B 31 -23.04 -32.73 -2.68
C LYS B 31 -22.32 -32.18 -1.45
N ILE B 32 -22.86 -31.10 -0.89
CA ILE B 32 -22.24 -30.41 0.26
C ILE B 32 -22.17 -31.28 1.52
N GLU B 33 -20.94 -31.39 2.07
CA GLU B 33 -20.74 -32.09 3.34
C GLU B 33 -20.30 -31.11 4.46
N ALA B 34 -20.01 -29.87 4.03
CA ALA B 34 -19.62 -28.84 4.99
C ALA B 34 -19.68 -27.44 4.38
N ALA B 35 -20.23 -26.51 5.15
CA ALA B 35 -20.39 -25.12 4.74
C ALA B 35 -20.04 -24.21 5.90
N GLY B 36 -18.86 -23.59 5.84
CA GLY B 36 -18.45 -22.70 6.91
C GLY B 36 -19.26 -21.42 6.94
N VAL B 37 -19.43 -20.85 8.13
CA VAL B 37 -20.19 -19.62 8.28
C VAL B 37 -19.21 -18.46 8.47
N CYS B 38 -19.26 -17.50 7.55
CA CYS B 38 -18.36 -16.34 7.57
C CYS B 38 -19.06 -15.06 8.03
N HIS B 39 -18.36 -14.23 8.79
CA HIS B 39 -18.95 -12.98 9.27
C HIS B 39 -19.43 -12.13 8.09
N SER B 40 -18.87 -12.36 6.91
CA SER B 40 -19.28 -11.63 5.72
C SER B 40 -20.79 -11.84 5.50
N ASP B 41 -21.30 -12.99 5.93
CA ASP B 41 -22.72 -13.27 5.78
C ASP B 41 -23.56 -12.42 6.71
N VAL B 42 -22.94 -11.86 7.73
CA VAL B 42 -23.65 -10.97 8.65
C VAL B 42 -23.93 -9.70 7.83
N HIS B 43 -22.91 -9.24 7.11
CA HIS B 43 -23.04 -8.02 6.30
C HIS B 43 -24.02 -8.25 5.14
N MET B 44 -23.96 -9.42 4.53
CA MET B 44 -24.85 -9.76 3.42
C MET B 44 -26.30 -9.70 3.89
N ARG B 45 -26.58 -10.34 5.01
CA ARG B 45 -27.93 -10.37 5.54
C ARG B 45 -28.43 -8.94 5.80
N GLN B 46 -27.56 -8.14 6.44
CA GLN B 46 -27.92 -6.73 6.65
C GLN B 46 -28.04 -5.99 5.30
N GLY B 47 -27.43 -6.61 4.27
CA GLY B 47 -27.55 -6.07 2.92
C GLY B 47 -26.55 -4.92 2.66
N ARG B 48 -25.44 -4.88 3.39
CA ARG B 48 -24.52 -3.78 3.22
C ARG B 48 -23.13 -3.99 3.81
N PHE B 49 -22.12 -3.47 3.13
CA PHE B 49 -20.73 -3.53 3.58
C PHE B 49 -20.38 -2.07 3.77
N GLY B 50 -20.50 -1.58 4.99
CA GLY B 50 -20.21 -0.18 5.23
C GLY B 50 -21.26 0.66 4.52
N ASN B 51 -20.83 1.52 3.63
CA ASN B 51 -21.73 2.40 2.88
C ASN B 51 -22.18 1.76 1.56
N LEU B 52 -21.75 0.52 1.31
CA LEU B 52 -22.08 -0.15 0.06
C LEU B 52 -23.22 -1.17 0.12
N ARG B 53 -24.36 -0.84 -0.47
CA ARG B 53 -25.51 -1.73 -0.50
C ARG B 53 -25.21 -2.85 -1.50
N ILE B 54 -25.38 -4.09 -1.07
CA ILE B 54 -25.09 -5.23 -1.94
C ILE B 54 -25.92 -5.24 -3.22
N VAL B 55 -27.18 -4.83 -3.12
CA VAL B 55 -28.06 -4.82 -4.28
C VAL B 55 -27.87 -3.55 -5.12
N GLU B 56 -28.15 -2.39 -4.54
CA GLU B 56 -28.04 -1.11 -5.23
C GLU B 56 -26.65 -0.73 -5.74
N ASP B 57 -25.61 -1.03 -4.97
CA ASP B 57 -24.25 -0.66 -5.38
C ASP B 57 -23.38 -1.78 -5.92
N LEU B 58 -23.49 -2.97 -5.33
CA LEU B 58 -22.66 -4.09 -5.77
C LEU B 58 -23.28 -4.96 -6.86
N GLY B 59 -24.58 -4.80 -7.11
CA GLY B 59 -25.21 -5.57 -8.16
C GLY B 59 -25.71 -6.97 -7.83
N VAL B 60 -25.80 -7.31 -6.54
CA VAL B 60 -26.29 -8.63 -6.17
C VAL B 60 -27.78 -8.73 -6.50
N LYS B 61 -28.19 -9.85 -7.08
CA LYS B 61 -29.60 -10.05 -7.43
C LYS B 61 -30.21 -11.13 -6.54
N LEU B 62 -31.21 -10.74 -5.74
CA LEU B 62 -31.88 -11.66 -4.82
C LEU B 62 -32.99 -12.41 -5.55
N PRO B 63 -33.33 -13.64 -5.10
CA PRO B 63 -32.72 -14.34 -3.96
C PRO B 63 -31.43 -15.08 -4.33
N VAL B 64 -30.62 -15.39 -3.33
CA VAL B 64 -29.39 -16.10 -3.57
C VAL B 64 -29.02 -16.93 -2.34
N THR B 65 -28.56 -18.15 -2.59
CA THR B 65 -28.16 -19.06 -1.50
C THR B 65 -26.77 -18.63 -1.03
N LEU B 66 -26.64 -18.29 0.26
CA LEU B 66 -25.34 -17.88 0.80
C LEU B 66 -24.44 -19.07 1.08
N GLY B 67 -23.22 -18.79 1.56
CA GLY B 67 -22.26 -19.83 1.86
C GLY B 67 -21.08 -19.89 0.90
N HIS B 68 -19.96 -19.26 1.26
CA HIS B 68 -18.79 -19.26 0.39
C HIS B 68 -17.59 -20.06 0.93
N GLU B 69 -17.83 -20.91 1.92
CA GLU B 69 -16.78 -21.77 2.46
C GLU B 69 -17.36 -23.16 2.13
N ILE B 70 -16.83 -23.71 1.04
CA ILE B 70 -17.35 -24.95 0.47
C ILE B 70 -16.47 -26.21 0.39
N ALA B 71 -17.06 -27.34 0.76
CA ALA B 71 -16.40 -28.64 0.70
C ALA B 71 -17.47 -29.73 0.58
N GLY B 72 -17.22 -30.75 -0.23
CA GLY B 72 -18.17 -31.81 -0.40
C GLY B 72 -17.68 -32.89 -1.36
N ARG B 73 -18.59 -33.76 -1.80
CA ARG B 73 -18.24 -34.83 -2.72
C ARG B 73 -18.85 -34.62 -4.08
N ILE B 74 -18.10 -34.95 -5.11
CA ILE B 74 -18.59 -34.81 -6.47
C ILE B 74 -19.75 -35.78 -6.67
N GLU B 75 -20.87 -35.24 -7.12
CA GLU B 75 -22.08 -36.01 -7.36
C GLU B 75 -22.22 -36.34 -8.83
N GLU B 76 -21.92 -35.35 -9.68
CA GLU B 76 -22.03 -35.52 -11.12
C GLU B 76 -21.11 -34.51 -11.80
N VAL B 77 -20.54 -34.91 -12.93
CA VAL B 77 -19.67 -34.02 -13.68
C VAL B 77 -20.22 -33.80 -15.09
N GLY B 78 -19.82 -32.66 -15.68
CA GLY B 78 -20.26 -32.41 -17.04
C GLY B 78 -19.45 -33.22 -18.02
N ASP B 79 -19.83 -33.21 -19.30
CA ASP B 79 -19.11 -33.98 -20.32
C ASP B 79 -17.66 -33.59 -20.54
N GLU B 80 -17.32 -32.32 -20.31
CA GLU B 80 -15.96 -31.84 -20.51
C GLU B 80 -15.03 -31.96 -19.30
N VAL B 81 -15.54 -32.51 -18.20
CA VAL B 81 -14.74 -32.66 -16.99
C VAL B 81 -13.71 -33.77 -17.13
N VAL B 82 -12.47 -33.47 -16.73
CA VAL B 82 -11.38 -34.42 -16.80
C VAL B 82 -10.57 -34.41 -15.50
N GLY B 83 -10.10 -35.59 -15.10
CA GLY B 83 -9.29 -35.67 -13.88
C GLY B 83 -10.07 -35.66 -12.58
N TYR B 84 -11.39 -35.83 -12.67
CA TYR B 84 -12.22 -35.85 -11.48
C TYR B 84 -13.29 -36.91 -11.64
N SER B 85 -13.52 -37.67 -10.58
CA SER B 85 -14.49 -38.74 -10.63
C SER B 85 -15.55 -38.60 -9.55
N LYS B 86 -16.74 -39.13 -9.80
CA LYS B 86 -17.82 -39.09 -8.83
C LYS B 86 -17.31 -39.71 -7.53
N GLY B 87 -17.72 -39.13 -6.40
CA GLY B 87 -17.29 -39.65 -5.12
C GLY B 87 -16.07 -38.95 -4.55
N ASP B 88 -15.34 -38.19 -5.37
CA ASP B 88 -14.16 -37.47 -4.91
C ASP B 88 -14.53 -36.40 -3.88
N LEU B 89 -13.78 -36.37 -2.77
CA LEU B 89 -14.01 -35.37 -1.73
C LEU B 89 -13.20 -34.12 -2.12
N VAL B 90 -13.86 -32.99 -2.30
CA VAL B 90 -13.15 -31.78 -2.71
C VAL B 90 -13.52 -30.49 -1.99
N ALA B 91 -12.61 -29.52 -2.06
CA ALA B 91 -12.86 -28.19 -1.50
C ALA B 91 -13.10 -27.40 -2.77
N VAL B 92 -13.89 -26.34 -2.70
CA VAL B 92 -14.20 -25.54 -3.87
C VAL B 92 -13.79 -24.07 -3.71
N ASN B 93 -13.09 -23.53 -4.71
CA ASN B 93 -12.70 -22.13 -4.71
C ASN B 93 -13.87 -21.38 -5.34
N PRO B 94 -14.64 -20.63 -4.53
CA PRO B 94 -15.80 -19.88 -5.02
C PRO B 94 -15.54 -18.54 -5.72
N TRP B 95 -14.31 -18.05 -5.63
CA TRP B 95 -13.94 -16.76 -6.23
C TRP B 95 -13.51 -16.96 -7.69
N GLU B 96 -14.50 -17.22 -8.53
CA GLU B 96 -14.27 -17.50 -9.94
C GLU B 96 -14.47 -16.36 -10.94
N GLY B 97 -13.62 -16.34 -11.96
CA GLY B 97 -13.68 -15.32 -13.01
C GLY B 97 -14.00 -15.92 -14.37
N GLU B 98 -14.23 -15.08 -15.38
CA GLU B 98 -14.58 -15.59 -16.71
C GLU B 98 -13.40 -15.84 -17.65
N GLY B 99 -12.22 -15.28 -17.34
CA GLY B 99 -11.05 -15.53 -18.17
C GLY B 99 -10.56 -14.53 -19.20
N ASN B 100 -11.46 -13.78 -19.81
CA ASN B 100 -11.10 -12.82 -20.85
C ASN B 100 -10.72 -11.41 -20.38
N CYS B 101 -11.29 -10.94 -19.27
CA CYS B 101 -10.99 -9.60 -18.79
C CYS B 101 -9.54 -9.44 -18.33
N TYR B 102 -9.12 -8.19 -18.17
CA TYR B 102 -7.77 -7.86 -17.75
C TYR B 102 -7.33 -8.60 -16.49
N TYR B 103 -8.12 -8.52 -15.43
CA TYR B 103 -7.79 -9.16 -14.17
C TYR B 103 -7.64 -10.68 -14.25
N CYS B 104 -8.41 -11.33 -15.11
CA CYS B 104 -8.29 -12.78 -15.26
C CYS B 104 -7.00 -13.09 -16.02
N ARG B 105 -6.68 -12.28 -17.02
CA ARG B 105 -5.48 -12.49 -17.83
C ARG B 105 -4.17 -12.38 -17.03
N ILE B 106 -4.16 -11.53 -16.02
CA ILE B 106 -2.95 -11.37 -15.22
C ILE B 106 -2.92 -12.26 -13.97
N GLY B 107 -3.88 -13.18 -13.87
CA GLY B 107 -3.91 -14.07 -12.73
C GLY B 107 -4.57 -13.56 -11.47
N GLU B 108 -5.33 -12.48 -11.56
CA GLU B 108 -6.04 -11.92 -10.42
C GLU B 108 -7.54 -12.15 -10.65
N GLU B 109 -7.86 -13.41 -10.92
CA GLU B 109 -9.20 -13.88 -11.20
C GLU B 109 -10.32 -13.41 -10.26
N HIS B 110 -10.02 -13.31 -8.96
CA HIS B 110 -11.03 -12.88 -8.00
C HIS B 110 -11.49 -11.43 -8.24
N LEU B 111 -10.69 -10.66 -8.98
CA LEU B 111 -11.04 -9.28 -9.27
C LEU B 111 -11.66 -9.15 -10.67
N CYS B 112 -12.17 -10.26 -11.18
CA CYS B 112 -12.81 -10.32 -12.50
C CYS B 112 -13.85 -9.21 -12.67
N ASP B 113 -14.02 -8.72 -13.89
CA ASP B 113 -15.01 -7.67 -14.18
C ASP B 113 -16.43 -8.24 -14.22
N SER B 114 -16.54 -9.56 -14.35
CA SER B 114 -17.83 -10.24 -14.38
C SER B 114 -17.66 -11.47 -13.49
N PRO B 115 -17.48 -11.24 -12.19
CA PRO B 115 -17.28 -12.29 -11.18
C PRO B 115 -18.40 -13.29 -10.96
N ARG B 116 -18.00 -14.52 -10.66
CA ARG B 116 -18.93 -15.59 -10.34
C ARG B 116 -18.53 -16.06 -8.95
N TRP B 117 -18.98 -15.32 -7.94
CA TRP B 117 -18.66 -15.65 -6.55
C TRP B 117 -19.76 -16.49 -5.92
N LEU B 118 -19.47 -17.77 -5.74
CA LEU B 118 -20.45 -18.67 -5.16
C LEU B 118 -20.72 -18.25 -3.73
N GLY B 119 -21.99 -18.05 -3.40
CA GLY B 119 -22.35 -17.63 -2.06
C GLY B 119 -22.60 -16.13 -1.97
N ILE B 120 -22.26 -15.39 -3.02
CA ILE B 120 -22.45 -13.94 -3.01
C ILE B 120 -23.41 -13.47 -4.11
N ASN B 121 -22.97 -13.67 -5.38
CA ASN B 121 -23.84 -13.32 -6.50
C ASN B 121 -24.31 -14.56 -7.28
N TYR B 122 -23.78 -15.73 -6.86
CA TYR B 122 -24.27 -17.01 -7.37
C TYR B 122 -24.60 -17.95 -6.19
N ASP B 123 -25.54 -18.88 -6.32
CA ASP B 123 -25.88 -19.75 -5.19
C ASP B 123 -24.67 -20.44 -4.58
N GLY B 124 -24.62 -20.43 -3.25
CA GLY B 124 -23.50 -21.00 -2.53
C GLY B 124 -23.69 -22.35 -1.84
N ALA B 125 -22.94 -22.54 -0.75
CA ALA B 125 -22.93 -23.79 0.01
C ALA B 125 -24.01 -24.05 1.06
N TYR B 126 -24.82 -23.05 1.40
CA TYR B 126 -25.88 -23.30 2.39
C TYR B 126 -27.02 -24.03 1.70
N ALA B 127 -26.71 -25.19 1.14
CA ALA B 127 -27.69 -26.02 0.44
C ALA B 127 -27.15 -27.45 0.38
N GLU B 128 -27.98 -28.39 -0.04
CA GLU B 128 -27.55 -29.78 -0.11
C GLU B 128 -26.59 -30.00 -1.27
N TYR B 129 -26.73 -29.17 -2.31
CA TYR B 129 -25.86 -29.28 -3.47
C TYR B 129 -25.46 -27.90 -3.98
N VAL B 130 -24.36 -27.86 -4.70
CA VAL B 130 -23.88 -26.61 -5.28
C VAL B 130 -23.30 -26.94 -6.64
N LEU B 131 -23.60 -26.10 -7.61
CA LEU B 131 -23.09 -26.28 -8.96
C LEU B 131 -21.83 -25.45 -9.13
N VAL B 132 -20.71 -26.11 -9.44
CA VAL B 132 -19.44 -25.42 -9.64
C VAL B 132 -19.24 -25.21 -11.14
N PRO B 133 -19.07 -23.95 -11.57
CA PRO B 133 -18.88 -23.60 -12.98
C PRO B 133 -17.79 -24.36 -13.73
N HIS B 134 -16.64 -24.55 -13.09
CA HIS B 134 -15.54 -25.25 -13.73
C HIS B 134 -14.77 -26.10 -12.74
N TYR B 135 -14.39 -27.31 -13.17
CA TYR B 135 -13.64 -28.23 -12.33
C TYR B 135 -12.25 -27.73 -11.92
N LYS B 136 -11.74 -26.71 -12.60
CA LYS B 136 -10.42 -26.21 -12.27
C LYS B 136 -10.40 -25.51 -10.90
N TYR B 137 -11.57 -25.22 -10.35
CA TYR B 137 -11.66 -24.57 -9.04
C TYR B 137 -11.76 -25.58 -7.90
N LEU B 138 -11.58 -26.85 -8.21
CA LEU B 138 -11.66 -27.90 -7.21
C LEU B 138 -10.28 -28.25 -6.69
N TYR B 139 -10.24 -28.90 -5.53
CA TYR B 139 -8.98 -29.34 -4.94
C TYR B 139 -9.33 -30.57 -4.12
N LYS B 140 -8.85 -31.73 -4.57
CA LYS B 140 -9.13 -32.99 -3.88
C LYS B 140 -8.53 -33.02 -2.50
N LEU B 141 -9.34 -33.50 -1.54
CA LEU B 141 -8.92 -33.61 -0.15
C LEU B 141 -8.55 -35.06 0.14
N ARG B 142 -7.49 -35.25 0.92
CA ARG B 142 -7.04 -36.59 1.30
C ARG B 142 -6.87 -36.63 2.81
N ARG B 143 -6.09 -35.70 3.34
CA ARG B 143 -5.82 -35.60 4.77
C ARG B 143 -6.98 -34.99 5.53
N LEU B 144 -7.65 -34.02 4.91
CA LEU B 144 -8.75 -33.33 5.56
C LEU B 144 -10.14 -33.83 5.21
N SER B 145 -11.05 -33.67 6.16
CA SER B 145 -12.44 -34.05 5.97
C SER B 145 -13.10 -32.76 5.46
N ALA B 146 -14.31 -32.86 4.93
CA ALA B 146 -15.01 -31.69 4.41
C ALA B 146 -15.14 -30.61 5.49
N VAL B 147 -15.49 -31.01 6.70
CA VAL B 147 -15.66 -30.07 7.79
C VAL B 147 -14.39 -29.29 8.12
N GLU B 148 -13.25 -29.96 8.04
CA GLU B 148 -11.97 -29.31 8.34
C GLU B 148 -11.48 -28.45 7.18
N ALA B 149 -11.89 -28.80 5.97
CA ALA B 149 -11.45 -28.08 4.78
C ALA B 149 -12.29 -26.87 4.36
N ALA B 150 -13.60 -26.95 4.55
CA ALA B 150 -14.50 -25.87 4.14
C ALA B 150 -14.03 -24.45 4.46
N PRO B 151 -13.64 -24.17 5.71
CA PRO B 151 -13.18 -22.82 6.05
C PRO B 151 -11.99 -22.33 5.23
N LEU B 152 -11.24 -23.25 4.66
CA LEU B 152 -10.07 -22.90 3.86
C LEU B 152 -10.41 -22.08 2.61
N THR B 153 -11.61 -22.29 2.07
CA THR B 153 -12.00 -21.60 0.84
C THR B 153 -12.34 -20.12 0.96
N CYS B 154 -12.35 -19.58 2.17
CA CYS B 154 -12.56 -18.13 2.34
C CYS B 154 -11.64 -17.60 3.42
N SER B 155 -11.87 -17.98 4.69
CA SER B 155 -11.01 -17.48 5.75
C SER B 155 -9.56 -17.89 5.50
N GLY B 156 -9.38 -19.10 4.96
CA GLY B 156 -8.04 -19.58 4.68
C GLY B 156 -7.35 -18.84 3.54
N VAL B 157 -7.96 -18.86 2.36
CA VAL B 157 -7.38 -18.19 1.20
C VAL B 157 -7.28 -16.68 1.39
N THR B 158 -8.24 -16.09 2.09
CA THR B 158 -8.22 -14.64 2.33
C THR B 158 -7.02 -14.23 3.19
N THR B 159 -6.83 -14.93 4.31
CA THR B 159 -5.72 -14.59 5.20
C THR B 159 -4.36 -15.04 4.65
N TYR B 160 -4.36 -16.05 3.78
CA TYR B 160 -3.11 -16.50 3.17
C TYR B 160 -2.62 -15.35 2.29
N ARG B 161 -3.53 -14.77 1.51
CA ARG B 161 -3.19 -13.66 0.63
C ARG B 161 -2.76 -12.42 1.44
N ALA B 162 -3.51 -12.13 2.50
CA ALA B 162 -3.20 -10.97 3.34
C ALA B 162 -1.82 -11.12 3.98
N VAL B 163 -1.51 -12.34 4.44
CA VAL B 163 -0.22 -12.60 5.05
C VAL B 163 0.89 -12.38 4.02
N ARG B 164 0.66 -12.75 2.76
CA ARG B 164 1.67 -12.52 1.74
C ARG B 164 1.86 -11.02 1.51
N LYS B 165 0.77 -10.27 1.46
CA LYS B 165 0.85 -8.83 1.25
C LYS B 165 1.56 -8.12 2.42
N ALA B 166 1.58 -8.76 3.58
CA ALA B 166 2.25 -8.18 4.76
C ALA B 166 3.77 -8.20 4.61
N SER B 167 4.26 -8.92 3.60
CA SER B 167 5.71 -9.02 3.34
C SER B 167 6.51 -9.25 4.62
N LEU B 168 6.30 -10.41 5.23
CA LEU B 168 6.98 -10.74 6.47
C LEU B 168 8.36 -11.38 6.31
N ASP B 169 9.12 -11.31 7.39
CA ASP B 169 10.44 -11.91 7.50
C ASP B 169 10.73 -11.98 8.99
N PRO B 170 11.72 -12.77 9.41
CA PRO B 170 12.09 -12.93 10.82
C PRO B 170 12.27 -11.68 11.68
N SER B 171 12.71 -10.58 11.10
CA SER B 171 12.93 -9.36 11.86
C SER B 171 11.67 -8.50 12.04
N LYS B 172 10.57 -8.91 11.43
CA LYS B 172 9.33 -8.13 11.52
C LYS B 172 8.29 -8.67 12.51
N THR B 173 7.41 -7.78 12.95
CA THR B 173 6.33 -8.13 13.86
C THR B 173 4.99 -7.90 13.18
N LEU B 174 4.12 -8.91 13.25
CA LEU B 174 2.78 -8.82 12.68
C LEU B 174 1.75 -8.71 13.80
N VAL B 175 0.79 -7.81 13.63
CA VAL B 175 -0.27 -7.64 14.60
C VAL B 175 -1.59 -7.98 13.90
N VAL B 176 -2.34 -8.93 14.44
CA VAL B 176 -3.62 -9.32 13.85
C VAL B 176 -4.75 -8.78 14.73
N ILE B 177 -5.61 -7.94 14.16
CA ILE B 177 -6.73 -7.38 14.88
C ILE B 177 -7.96 -8.25 14.63
N GLY B 178 -8.54 -8.73 15.74
CA GLY B 178 -9.65 -9.65 15.59
C GLY B 178 -9.16 -11.11 15.56
N ALA B 179 -8.03 -11.33 16.27
CA ALA B 179 -7.28 -12.59 16.18
C ALA B 179 -8.05 -13.81 16.72
N GLY B 180 -9.11 -13.65 17.48
CA GLY B 180 -9.81 -14.81 17.99
C GLY B 180 -10.92 -15.37 17.11
N GLY B 181 -11.29 -14.64 16.07
CA GLY B 181 -12.38 -15.07 15.19
C GLY B 181 -12.00 -16.06 14.10
N GLY B 182 -12.88 -16.19 13.11
CA GLY B 182 -12.64 -17.11 12.01
C GLY B 182 -11.38 -16.82 11.23
N LEU B 183 -11.28 -15.62 10.67
CA LEU B 183 -10.09 -15.23 9.90
C LEU B 183 -8.90 -15.01 10.81
N GLY B 184 -9.16 -14.60 12.05
CA GLY B 184 -8.09 -14.34 12.98
C GLY B 184 -7.26 -15.57 13.31
N THR B 185 -7.93 -16.68 13.63
CA THR B 185 -7.23 -17.90 13.98
C THR B 185 -6.51 -18.48 12.77
N MET B 186 -7.07 -18.24 11.59
CA MET B 186 -6.47 -18.72 10.35
C MET B 186 -5.24 -17.87 9.99
N ALA B 187 -5.34 -16.55 10.15
CA ALA B 187 -4.21 -15.67 9.84
C ALA B 187 -3.03 -15.98 10.75
N ILE B 188 -3.31 -16.21 12.03
CA ILE B 188 -2.26 -16.53 12.99
C ILE B 188 -1.56 -17.84 12.64
N GLN B 189 -2.34 -18.89 12.38
CA GLN B 189 -1.73 -20.18 12.02
C GLN B 189 -0.87 -20.07 10.77
N ILE B 190 -1.38 -19.36 9.77
CA ILE B 190 -0.67 -19.20 8.52
C ILE B 190 0.63 -18.40 8.70
N ALA B 191 0.55 -17.26 9.38
CA ALA B 191 1.75 -16.46 9.60
C ALA B 191 2.79 -17.30 10.35
N LYS B 192 2.33 -18.12 11.28
CA LYS B 192 3.25 -18.97 12.04
C LYS B 192 3.87 -20.05 11.18
N ALA B 193 3.15 -20.49 10.15
CA ALA B 193 3.63 -21.55 9.28
C ALA B 193 4.49 -21.12 8.08
N VAL B 194 4.23 -19.94 7.53
CA VAL B 194 4.97 -19.49 6.36
C VAL B 194 5.94 -18.34 6.57
N SER B 195 6.26 -18.03 7.81
CA SER B 195 7.20 -16.97 8.11
C SER B 195 7.74 -17.13 9.51
N GLY B 196 8.85 -16.45 9.78
CA GLY B 196 9.43 -16.55 11.11
C GLY B 196 9.16 -15.28 11.94
N ALA B 197 8.25 -14.44 11.40
CA ALA B 197 7.95 -13.16 12.06
C ALA B 197 7.28 -13.36 13.42
N THR B 198 7.35 -12.33 14.26
CA THR B 198 6.73 -12.37 15.58
C THR B 198 5.25 -12.08 15.37
N ILE B 199 4.38 -12.94 15.92
CA ILE B 199 2.95 -12.74 15.74
C ILE B 199 2.23 -12.29 17.01
N ILE B 200 1.60 -11.13 16.94
CA ILE B 200 0.85 -10.56 18.07
C ILE B 200 -0.64 -10.57 17.74
N GLY B 201 -1.43 -11.18 18.61
CA GLY B 201 -2.87 -11.25 18.38
C GLY B 201 -3.63 -10.29 19.27
N VAL B 202 -4.57 -9.56 18.68
CA VAL B 202 -5.37 -8.60 19.43
C VAL B 202 -6.87 -8.87 19.30
N ASP B 203 -7.57 -8.87 20.44
CA ASP B 203 -9.02 -9.07 20.44
C ASP B 203 -9.59 -8.40 21.69
N VAL B 204 -10.90 -8.54 21.91
CA VAL B 204 -11.53 -7.90 23.05
C VAL B 204 -12.25 -8.83 24.03
N ARG B 205 -12.19 -10.13 23.78
CA ARG B 205 -12.83 -11.12 24.64
C ARG B 205 -11.81 -12.11 25.15
N GLU B 206 -11.92 -12.49 26.42
CA GLU B 206 -11.01 -13.44 27.03
C GLU B 206 -10.98 -14.75 26.21
N GLU B 207 -12.15 -15.21 25.78
CA GLU B 207 -12.26 -16.43 24.99
C GLU B 207 -11.58 -16.30 23.64
N ALA B 208 -11.67 -15.11 23.05
CA ALA B 208 -11.05 -14.85 21.76
C ALA B 208 -9.53 -14.91 21.91
N LEU B 209 -9.01 -14.44 23.03
CA LEU B 209 -7.57 -14.49 23.18
C LEU B 209 -7.10 -15.91 23.44
N GLU B 210 -7.89 -16.74 24.11
CA GLU B 210 -7.52 -18.13 24.29
C GLU B 210 -7.41 -18.79 22.92
N ALA B 211 -8.36 -18.44 22.03
CA ALA B 211 -8.37 -18.99 20.69
C ALA B 211 -7.13 -18.56 19.93
N ALA B 212 -6.76 -17.29 20.06
CA ALA B 212 -5.58 -16.77 19.38
C ALA B 212 -4.30 -17.49 19.82
N LYS B 213 -4.23 -17.86 21.09
CA LYS B 213 -3.06 -18.57 21.62
C LYS B 213 -3.03 -19.97 21.06
N ARG B 214 -4.18 -20.65 21.05
CA ARG B 214 -4.26 -22.01 20.52
C ARG B 214 -3.84 -21.99 19.05
N ALA B 215 -4.05 -20.84 18.39
CA ALA B 215 -3.68 -20.67 17.00
C ALA B 215 -2.17 -20.49 16.86
N GLY B 216 -1.50 -20.20 17.96
CA GLY B 216 -0.05 -20.03 17.93
C GLY B 216 0.52 -18.63 18.05
N ALA B 217 -0.30 -17.66 18.45
CA ALA B 217 0.20 -16.29 18.59
C ALA B 217 1.38 -16.25 19.57
N ASP B 218 2.42 -15.50 19.22
CA ASP B 218 3.60 -15.37 20.08
C ASP B 218 3.24 -14.49 21.28
N TYR B 219 2.33 -13.55 21.07
CA TYR B 219 1.85 -12.62 22.11
C TYR B 219 0.38 -12.32 21.84
N VAL B 220 -0.39 -12.07 22.89
CA VAL B 220 -1.81 -11.71 22.76
C VAL B 220 -2.10 -10.48 23.59
N ILE B 221 -3.02 -9.66 23.11
CA ILE B 221 -3.39 -8.43 23.81
C ILE B 221 -4.91 -8.32 23.89
N ASN B 222 -5.42 -8.08 25.08
CA ASN B 222 -6.85 -7.91 25.25
C ASN B 222 -7.04 -6.40 25.24
N ALA B 223 -7.60 -5.89 24.14
CA ALA B 223 -7.80 -4.46 23.97
C ALA B 223 -8.88 -3.85 24.86
N SER B 224 -9.57 -4.69 25.63
CA SER B 224 -10.62 -4.19 26.53
C SER B 224 -10.02 -3.84 27.87
N SER B 225 -9.12 -4.70 28.35
CA SER B 225 -8.48 -4.50 29.64
C SER B 225 -7.10 -3.84 29.56
N GLN B 226 -6.40 -4.05 28.45
CA GLN B 226 -5.07 -3.48 28.27
C GLN B 226 -5.04 -2.30 27.29
N ASP B 227 -3.95 -1.54 27.33
CA ASP B 227 -3.77 -0.42 26.42
C ASP B 227 -3.05 -1.03 25.23
N PRO B 228 -3.78 -1.37 24.16
CA PRO B 228 -3.18 -1.98 22.97
C PRO B 228 -1.95 -1.25 22.43
N VAL B 229 -2.01 0.07 22.37
CA VAL B 229 -0.90 0.85 21.87
C VAL B 229 0.36 0.66 22.71
N SER B 230 0.24 0.80 24.02
CA SER B 230 1.39 0.64 24.92
C SER B 230 2.00 -0.75 24.81
N GLU B 231 1.14 -1.77 24.79
CA GLU B 231 1.61 -3.14 24.69
C GLU B 231 2.37 -3.40 23.39
N ILE B 232 1.80 -2.95 22.27
CA ILE B 232 2.45 -3.16 20.98
C ILE B 232 3.80 -2.42 20.94
N ARG B 233 3.84 -1.23 21.52
CA ARG B 233 5.06 -0.44 21.56
C ARG B 233 6.12 -1.15 22.40
N ARG B 234 5.70 -1.71 23.54
CA ARG B 234 6.63 -2.43 24.42
C ARG B 234 7.18 -3.69 23.77
N ILE B 235 6.29 -4.52 23.22
CA ILE B 235 6.71 -5.77 22.59
C ILE B 235 7.69 -5.55 21.42
N THR B 236 7.43 -4.47 20.64
CA THR B 236 8.32 -4.17 19.51
C THR B 236 9.45 -3.21 19.90
N GLN B 237 9.58 -3.00 21.23
CA GLN B 237 10.62 -2.13 21.77
C GLN B 237 10.59 -0.72 21.17
N GLY B 238 9.40 -0.14 21.03
CA GLY B 238 9.26 1.21 20.52
C GLY B 238 9.28 1.36 19.01
N LYS B 239 9.61 0.29 18.29
CA LYS B 239 9.66 0.37 16.84
C LYS B 239 8.28 0.49 16.21
N GLY B 240 7.33 -0.28 16.74
CA GLY B 240 5.98 -0.28 16.19
C GLY B 240 5.83 -1.54 15.36
N ALA B 241 4.62 -1.81 14.89
CA ALA B 241 4.37 -3.02 14.09
C ALA B 241 4.76 -2.85 12.63
N ASP B 242 5.49 -3.85 12.10
CA ASP B 242 5.90 -3.78 10.71
C ASP B 242 4.71 -4.07 9.78
N ALA B 243 3.71 -4.79 10.35
CA ALA B 243 2.51 -5.08 9.57
C ALA B 243 1.33 -5.33 10.49
N VAL B 244 0.17 -4.88 10.03
CA VAL B 244 -1.07 -5.06 10.77
C VAL B 244 -2.10 -5.62 9.81
N ILE B 245 -2.72 -6.73 10.18
CA ILE B 245 -3.78 -7.29 9.37
C ILE B 245 -5.02 -6.99 10.21
N ASP B 246 -5.81 -6.03 9.74
CA ASP B 246 -7.02 -5.62 10.44
C ASP B 246 -8.20 -6.41 9.90
N LEU B 247 -8.75 -7.27 10.73
CA LEU B 247 -9.91 -8.08 10.35
C LEU B 247 -11.23 -7.44 10.76
N ASN B 248 -11.17 -6.12 11.04
CA ASN B 248 -12.36 -5.36 11.42
C ASN B 248 -12.53 -4.12 10.52
N ASN B 249 -11.50 -3.25 10.59
CA ASN B 249 -11.55 -1.96 9.90
C ASN B 249 -12.78 -1.16 10.33
N SER B 250 -12.97 -1.08 11.64
CA SER B 250 -14.08 -0.35 12.23
C SER B 250 -13.61 1.03 12.64
N GLU B 251 -14.55 1.85 13.08
CA GLU B 251 -14.23 3.19 13.56
C GLU B 251 -13.26 3.01 14.71
N LYS B 252 -13.50 1.99 15.53
CA LYS B 252 -12.65 1.69 16.66
C LYS B 252 -11.23 1.30 16.28
N THR B 253 -11.09 0.26 15.46
CA THR B 253 -9.74 -0.18 15.09
C THR B 253 -8.95 0.83 14.26
N LEU B 254 -9.60 1.51 13.33
CA LEU B 254 -8.90 2.48 12.47
C LEU B 254 -8.48 3.75 13.22
N SER B 255 -9.07 3.96 14.42
CA SER B 255 -8.66 5.12 15.20
C SER B 255 -7.45 4.81 16.09
N ILE B 256 -7.10 3.49 16.16
CA ILE B 256 -6.02 3.06 17.06
C ILE B 256 -4.77 2.54 16.33
N TYR B 257 -4.92 1.42 15.65
CA TYR B 257 -3.80 0.72 15.02
C TYR B 257 -3.04 1.39 13.88
N PRO B 258 -3.70 2.21 13.05
CA PRO B 258 -2.88 2.81 12.00
C PRO B 258 -1.76 3.66 12.62
N TYR B 259 -1.91 3.98 13.91
CA TYR B 259 -0.94 4.81 14.62
C TYR B 259 0.19 4.06 15.34
N VAL B 260 0.20 2.73 15.24
CA VAL B 260 1.25 1.95 15.89
C VAL B 260 2.11 1.25 14.84
N LEU B 261 2.09 1.79 13.62
CA LEU B 261 2.86 1.21 12.53
C LEU B 261 4.30 1.67 12.59
N ALA B 262 5.23 0.78 12.24
CA ALA B 262 6.64 1.14 12.22
C ALA B 262 6.83 1.82 10.87
N LYS B 263 7.99 2.43 10.66
CA LYS B 263 8.24 3.03 9.36
C LYS B 263 8.21 1.92 8.33
N GLN B 264 7.61 2.22 7.16
CA GLN B 264 7.43 1.23 6.10
C GLN B 264 6.34 0.19 6.43
N GLY B 265 5.71 0.38 7.61
CA GLY B 265 4.69 -0.58 8.04
C GLY B 265 3.54 -0.69 7.03
N LYS B 266 3.02 -1.91 6.89
CA LYS B 266 1.91 -2.16 5.99
C LYS B 266 0.63 -2.50 6.77
N TYR B 267 -0.41 -1.71 6.52
CA TYR B 267 -1.70 -1.91 7.17
C TYR B 267 -2.60 -2.59 6.13
N VAL B 268 -2.73 -3.91 6.26
CA VAL B 268 -3.54 -4.72 5.35
C VAL B 268 -4.96 -4.78 5.87
N MET B 269 -5.86 -4.17 5.09
CA MET B 269 -7.27 -4.06 5.46
C MET B 269 -8.15 -5.13 4.85
N VAL B 270 -8.54 -6.08 5.69
CA VAL B 270 -9.37 -7.21 5.29
C VAL B 270 -10.80 -7.10 5.81
N GLY B 271 -10.94 -6.70 7.07
CA GLY B 271 -12.26 -6.56 7.68
C GLY B 271 -13.19 -5.61 6.95
N LEU B 272 -14.50 -5.89 7.07
CA LEU B 272 -15.52 -5.09 6.40
C LEU B 272 -16.60 -4.54 7.34
N PHE B 273 -16.22 -4.18 8.56
CA PHE B 273 -17.17 -3.64 9.53
C PHE B 273 -17.80 -2.32 9.09
N GLY B 274 -17.13 -1.63 8.17
CA GLY B 274 -17.66 -0.38 7.66
C GLY B 274 -17.28 0.87 8.43
N ALA B 275 -16.34 1.63 7.89
CA ALA B 275 -15.87 2.88 8.49
C ALA B 275 -14.99 3.59 7.49
N ASP B 276 -14.75 4.87 7.71
CA ASP B 276 -13.88 5.64 6.83
C ASP B 276 -12.49 5.70 7.43
N LEU B 277 -11.48 5.62 6.59
CA LEU B 277 -10.11 5.74 7.06
C LEU B 277 -9.80 7.22 7.00
N LYS B 278 -9.45 7.82 8.13
CA LYS B 278 -9.09 9.22 8.15
C LYS B 278 -7.67 9.20 8.72
N TYR B 279 -6.71 9.63 7.91
CA TYR B 279 -5.32 9.60 8.34
C TYR B 279 -4.56 10.78 7.74
N HIS B 280 -3.78 11.48 8.56
CA HIS B 280 -3.01 12.64 8.12
C HIS B 280 -2.03 12.21 7.03
N ALA B 281 -2.20 12.76 5.82
CA ALA B 281 -1.35 12.40 4.67
C ALA B 281 0.16 12.49 4.91
N PRO B 282 0.63 13.58 5.54
CA PRO B 282 2.09 13.65 5.77
C PRO B 282 2.61 12.47 6.58
N LEU B 283 1.75 11.88 7.42
CA LEU B 283 2.13 10.73 8.22
C LEU B 283 2.41 9.55 7.31
N ILE B 284 1.63 9.45 6.24
CA ILE B 284 1.80 8.37 5.28
C ILE B 284 3.11 8.54 4.52
N THR B 285 3.33 9.74 4.01
CA THR B 285 4.53 10.05 3.24
C THR B 285 5.84 9.94 4.03
N LEU B 286 5.91 10.68 5.14
CA LEU B 286 7.13 10.71 5.95
C LEU B 286 7.52 9.38 6.61
N ASN B 287 6.55 8.49 6.79
CA ASN B 287 6.83 7.19 7.41
C ASN B 287 6.76 6.04 6.39
N GLU B 288 6.50 6.37 5.14
CA GLU B 288 6.37 5.37 4.07
C GLU B 288 5.43 4.24 4.46
N VAL B 289 4.39 4.60 5.20
CA VAL B 289 3.40 3.61 5.63
C VAL B 289 2.54 3.23 4.44
N GLN B 290 1.90 2.06 4.50
CA GLN B 290 1.05 1.62 3.41
C GLN B 290 -0.30 1.10 3.90
N PHE B 291 -1.36 1.48 3.21
CA PHE B 291 -2.70 1.00 3.53
C PHE B 291 -3.06 0.14 2.31
N ILE B 292 -3.14 -1.16 2.54
CA ILE B 292 -3.39 -2.13 1.48
C ILE B 292 -4.67 -2.93 1.62
N GLY B 293 -5.49 -2.90 0.58
CA GLY B 293 -6.72 -3.67 0.60
C GLY B 293 -6.40 -5.09 0.14
N SER B 294 -7.09 -6.07 0.71
CA SER B 294 -6.87 -7.45 0.33
C SER B 294 -8.23 -8.14 0.30
N LEU B 295 -8.53 -8.79 -0.82
CA LEU B 295 -9.83 -9.45 -0.99
C LEU B 295 -9.66 -10.90 -1.42
N VAL B 296 -10.33 -11.81 -0.65
CA VAL B 296 -10.24 -13.25 -0.88
C VAL B 296 -8.89 -13.70 -1.45
N GLY B 297 -8.92 -14.31 -2.65
CA GLY B 297 -7.66 -14.76 -3.24
C GLY B 297 -7.84 -15.34 -4.64
N ASN B 298 -6.72 -15.46 -5.36
CA ASN B 298 -6.73 -16.00 -6.71
C ASN B 298 -6.46 -17.49 -6.68
N GLN B 299 -6.33 -18.09 -7.86
CA GLN B 299 -6.08 -19.52 -7.97
C GLN B 299 -4.74 -19.94 -7.35
N SER B 300 -3.75 -19.05 -7.40
CA SER B 300 -2.46 -19.37 -6.80
C SER B 300 -2.58 -19.38 -5.27
N ASP B 301 -3.30 -18.40 -4.74
CA ASP B 301 -3.51 -18.33 -3.30
C ASP B 301 -4.28 -19.56 -2.81
N PHE B 302 -5.31 -19.95 -3.55
CA PHE B 302 -6.13 -21.10 -3.20
C PHE B 302 -5.25 -22.35 -3.19
N LEU B 303 -4.42 -22.48 -4.22
CA LEU B 303 -3.52 -23.62 -4.32
C LEU B 303 -2.56 -23.61 -3.14
N GLY B 304 -2.09 -22.42 -2.78
CA GLY B 304 -1.16 -22.29 -1.66
C GLY B 304 -1.72 -22.72 -0.33
N ILE B 305 -2.86 -22.16 0.08
CA ILE B 305 -3.47 -22.51 1.35
C ILE B 305 -3.92 -23.96 1.40
N MET B 306 -4.45 -24.48 0.30
CA MET B 306 -4.91 -25.86 0.28
C MET B 306 -3.71 -26.81 0.45
N SER B 307 -2.59 -26.47 -0.20
CA SER B 307 -1.37 -27.28 -0.09
C SER B 307 -0.88 -27.30 1.35
N LEU B 308 -0.89 -26.14 1.99
CA LEU B 308 -0.42 -26.00 3.37
C LEU B 308 -1.26 -26.86 4.32
N ALA B 309 -2.58 -26.77 4.18
CA ALA B 309 -3.49 -27.53 5.04
C ALA B 309 -3.41 -29.02 4.75
N GLU B 310 -3.45 -29.36 3.47
CA GLU B 310 -3.40 -30.76 3.06
C GLU B 310 -2.08 -31.38 3.54
N ALA B 311 -1.08 -30.54 3.80
CA ALA B 311 0.22 -31.03 4.28
C ALA B 311 0.25 -31.12 5.80
N GLY B 312 -0.83 -30.67 6.44
CA GLY B 312 -0.90 -30.72 7.89
C GLY B 312 -0.18 -29.59 8.60
N LYS B 313 0.19 -28.56 7.86
CA LYS B 313 0.90 -27.42 8.43
C LYS B 313 -0.04 -26.44 9.15
N VAL B 314 -1.30 -26.43 8.76
CA VAL B 314 -2.31 -25.57 9.39
C VAL B 314 -3.65 -26.28 9.31
N LYS B 315 -4.57 -25.93 10.19
CA LYS B 315 -5.90 -26.54 10.17
C LYS B 315 -6.93 -25.60 10.78
N PRO B 316 -8.02 -25.33 10.06
CA PRO B 316 -9.08 -24.44 10.56
C PRO B 316 -9.52 -24.88 11.95
N MET B 317 -9.83 -23.90 12.80
CA MET B 317 -10.27 -24.22 14.14
C MET B 317 -11.79 -24.19 14.18
N VAL B 318 -12.38 -25.32 13.84
CA VAL B 318 -13.83 -25.47 13.82
C VAL B 318 -14.27 -25.74 15.25
N THR B 319 -14.97 -24.77 15.84
CA THR B 319 -15.42 -24.89 17.21
C THR B 319 -16.86 -25.39 17.35
N LYS B 320 -17.58 -25.49 16.24
CA LYS B 320 -18.95 -25.97 16.31
C LYS B 320 -19.52 -26.41 14.97
N THR B 321 -20.20 -27.55 14.99
CA THR B 321 -20.82 -28.11 13.80
C THR B 321 -22.34 -28.12 14.03
N MET B 322 -23.08 -27.47 13.14
CA MET B 322 -24.53 -27.42 13.30
C MET B 322 -25.27 -27.72 12.00
N LYS B 323 -26.59 -27.81 12.09
CA LYS B 323 -27.42 -28.13 10.94
C LYS B 323 -27.60 -26.95 9.98
N LEU B 324 -27.91 -27.27 8.74
CA LEU B 324 -28.14 -26.25 7.71
C LEU B 324 -29.21 -25.26 8.16
N GLU B 325 -30.26 -25.78 8.80
CA GLU B 325 -31.36 -24.95 9.27
C GLU B 325 -30.96 -23.95 10.36
N GLU B 326 -29.79 -24.14 10.96
CA GLU B 326 -29.34 -23.24 12.02
C GLU B 326 -28.50 -22.09 11.47
N ALA B 327 -28.51 -21.93 10.15
CA ALA B 327 -27.74 -20.88 9.50
C ALA B 327 -27.95 -19.49 10.12
N ASN B 328 -29.19 -19.14 10.44
CA ASN B 328 -29.45 -17.82 11.02
C ASN B 328 -28.88 -17.68 12.45
N GLU B 329 -28.80 -18.78 13.19
CA GLU B 329 -28.24 -18.74 14.52
C GLU B 329 -26.73 -18.58 14.46
N ALA B 330 -26.09 -19.30 13.54
CA ALA B 330 -24.64 -19.22 13.39
C ALA B 330 -24.24 -17.79 13.01
N ILE B 331 -25.00 -17.18 12.10
CA ILE B 331 -24.70 -15.81 11.69
C ILE B 331 -24.93 -14.84 12.85
N ASP B 332 -25.97 -15.09 13.66
CA ASP B 332 -26.24 -14.23 14.81
C ASP B 332 -25.06 -14.26 15.76
N ASN B 333 -24.51 -15.47 15.97
CA ASN B 333 -23.38 -15.59 16.89
C ASN B 333 -22.23 -14.70 16.46
N LEU B 334 -22.00 -14.58 15.16
CA LEU B 334 -20.91 -13.74 14.68
C LEU B 334 -21.30 -12.27 14.84
N GLU B 335 -22.56 -11.96 14.52
CA GLU B 335 -23.05 -10.60 14.63
C GLU B 335 -22.93 -10.11 16.07
N ASN B 336 -23.10 -11.02 17.02
CA ASN B 336 -23.01 -10.68 18.44
C ASN B 336 -21.63 -10.96 19.05
N PHE B 337 -20.67 -11.32 18.19
CA PHE B 337 -19.32 -11.63 18.64
C PHE B 337 -19.31 -12.67 19.77
N LYS B 338 -20.07 -13.74 19.59
CA LYS B 338 -20.17 -14.80 20.59
C LYS B 338 -19.43 -16.07 20.20
N ALA B 339 -18.88 -16.10 18.99
CA ALA B 339 -18.17 -17.29 18.53
C ALA B 339 -16.67 -17.07 18.35
N VAL B 340 -15.91 -18.14 18.59
CA VAL B 340 -14.47 -18.12 18.42
C VAL B 340 -14.18 -19.13 17.33
N GLY B 341 -13.09 -18.94 16.60
CA GLY B 341 -12.77 -19.88 15.55
C GLY B 341 -13.83 -19.84 14.45
N ARG B 342 -14.20 -21.02 13.95
CA ARG B 342 -15.16 -21.11 12.87
C ARG B 342 -16.29 -22.12 13.10
N GLN B 343 -17.48 -21.74 12.66
CA GLN B 343 -18.67 -22.59 12.76
C GLN B 343 -18.90 -23.18 11.36
N VAL B 344 -19.28 -24.45 11.30
CA VAL B 344 -19.53 -25.10 10.03
C VAL B 344 -20.89 -25.81 10.03
N LEU B 345 -21.65 -25.62 8.97
CA LEU B 345 -22.96 -26.25 8.83
C LEU B 345 -22.81 -27.52 8.00
N VAL B 346 -23.60 -28.53 8.35
CA VAL B 346 -23.57 -29.80 7.63
C VAL B 346 -25.01 -30.13 7.24
N PRO B 347 -25.31 -30.13 5.94
CA PRO B 347 -26.67 -30.45 5.49
C PRO B 347 -27.03 -31.88 5.83
#